data_6SMZ
#
_entry.id   6SMZ
#
_cell.length_a   72.512
_cell.length_b   113.743
_cell.length_c   142.708
_cell.angle_alpha   90.000
_cell.angle_beta   90.000
_cell.angle_gamma   90.000
#
_symmetry.space_group_name_H-M   'P 21 21 21'
#
loop_
_entity.id
_entity.type
_entity.pdbx_description
1 polymer '3-sulfolactaldehyde reductase'
2 non-polymer NICOTINAMIDE-ADENINE-DINUCLEOTIDE
3 water water
#
_entity_poly.entity_id   1
_entity_poly.type   'polypeptide(L)'
_entity_poly.pdbx_seq_one_letter_code
;MAAIAFIGLGQMGSPMASNLLQQGHQLRVFDVNAEAVRHLVDKGATPAANPAQAAKDAEFIITMLPNGDLVRNVLFGENG
VCEGLSTDALVIDMSTIHPLQTDKLIADMQAKGFSMMDVPVGRTSANAITGTLLLLAGGTAEQVERATPILMAMGSELIN
AGGPGMGIRVKLINNYMSIALNALSAEAAVLCEALNLPFDVAVKVMSGTAAGKGHFTTSWPNKVLSGDLSPAFMIDLAHK
DLGIALDVANQLHVPMPLGAASREVYSQARAAGRGRQDWSAILEQVRVSAGMTAKVKMLEHHHHHH
;
_entity_poly.pdbx_strand_id   A,C,B,D
#
loop_
_chem_comp.id
_chem_comp.type
_chem_comp.name
_chem_comp.formula
NAD non-polymer NICOTINAMIDE-ADENINE-DINUCLEOTIDE 'C21 H27 N7 O14 P2'
#
# COMPACT_ATOMS: atom_id res chain seq x y z
N ALA A 2 -20.10 44.66 -12.51
CA ALA A 2 -19.01 44.43 -13.50
C ALA A 2 -19.53 43.52 -14.61
N ALA A 3 -18.90 43.57 -15.78
CA ALA A 3 -19.15 42.68 -16.93
C ALA A 3 -18.35 41.38 -16.75
N ILE A 4 -19.05 40.27 -16.65
CA ILE A 4 -18.42 38.96 -16.28
C ILE A 4 -18.84 37.94 -17.31
N ALA A 5 -17.90 37.14 -17.79
CA ALA A 5 -18.17 35.92 -18.57
C ALA A 5 -18.04 34.73 -17.61
N PHE A 6 -18.98 33.81 -17.66
CA PHE A 6 -18.97 32.59 -16.82
C PHE A 6 -19.08 31.38 -17.75
N ILE A 7 -18.08 30.51 -17.73
CA ILE A 7 -18.01 29.32 -18.61
C ILE A 7 -17.93 28.08 -17.72
N GLY A 8 -18.92 27.21 -17.82
CA GLY A 8 -19.08 26.06 -16.93
C GLY A 8 -20.19 26.32 -15.93
N LEU A 9 -21.40 25.86 -16.23
CA LEU A 9 -22.62 26.16 -15.43
C LEU A 9 -23.17 24.87 -14.80
N GLY A 10 -22.29 24.11 -14.16
CA GLY A 10 -22.67 22.82 -13.54
C GLY A 10 -23.14 22.95 -12.10
N GLN A 11 -22.96 21.88 -11.32
CA GLN A 11 -23.39 21.80 -9.90
C GLN A 11 -22.83 23.00 -9.12
N MET A 12 -21.60 23.41 -9.38
CA MET A 12 -20.97 24.58 -8.71
C MET A 12 -21.18 25.83 -9.54
N GLY A 13 -20.90 25.76 -10.85
CA GLY A 13 -20.92 26.95 -11.71
C GLY A 13 -22.26 27.64 -11.76
N SER A 14 -23.34 26.89 -11.86
CA SER A 14 -24.69 27.49 -12.00
C SER A 14 -25.04 28.34 -10.77
N PRO A 15 -24.95 27.84 -9.52
CA PRO A 15 -25.21 28.69 -8.37
C PRO A 15 -24.21 29.84 -8.19
N MET A 16 -22.96 29.66 -8.58
CA MET A 16 -21.93 30.73 -8.49
C MET A 16 -22.34 31.87 -9.42
N ALA A 17 -22.67 31.54 -10.67
CA ALA A 17 -23.10 32.55 -11.65
C ALA A 17 -24.40 33.20 -11.15
N SER A 18 -25.29 32.43 -10.55
CA SER A 18 -26.60 32.93 -10.04
C SER A 18 -26.34 34.01 -8.97
N ASN A 19 -25.38 33.75 -8.07
CA ASN A 19 -25.01 34.71 -7.00
C ASN A 19 -24.42 35.98 -7.62
N LEU A 20 -23.64 35.89 -8.70
CA LEU A 20 -23.08 37.10 -9.34
C LEU A 20 -24.24 37.94 -9.92
N LEU A 21 -25.22 37.30 -10.55
CA LEU A 21 -26.42 38.04 -11.08
C LEU A 21 -27.15 38.73 -9.91
N GLN A 22 -27.33 38.04 -8.79
CA GLN A 22 -28.06 38.55 -7.60
C GLN A 22 -27.37 39.79 -7.05
N GLN A 23 -26.04 39.92 -7.21
CA GLN A 23 -25.26 41.07 -6.69
C GLN A 23 -25.12 42.15 -7.75
N GLY A 24 -25.83 42.03 -8.88
CA GLY A 24 -26.02 43.11 -9.86
C GLY A 24 -25.01 43.10 -10.99
N HIS A 25 -24.21 42.04 -11.16
CA HIS A 25 -23.25 41.97 -12.29
C HIS A 25 -23.99 41.62 -13.58
N GLN A 26 -23.44 42.01 -14.72
CA GLN A 26 -23.92 41.65 -16.09
C GLN A 26 -23.13 40.40 -16.50
N LEU A 27 -23.80 39.26 -16.68
CA LEU A 27 -23.14 38.00 -17.03
C LEU A 27 -23.44 37.61 -18.49
N ARG A 28 -22.39 37.18 -19.19
CA ARG A 28 -22.44 36.45 -20.46
C ARG A 28 -22.07 35.02 -20.13
N VAL A 29 -22.90 34.03 -20.42
CA VAL A 29 -22.67 32.64 -19.91
C VAL A 29 -22.57 31.68 -21.08
N PHE A 30 -21.73 30.66 -20.93
CA PHE A 30 -21.61 29.57 -21.93
C PHE A 30 -21.44 28.25 -21.19
N ASP A 31 -22.13 27.25 -21.71
CA ASP A 31 -21.98 25.83 -21.31
C ASP A 31 -22.35 25.02 -22.56
N VAL A 32 -21.69 23.89 -22.78
CA VAL A 32 -22.04 22.98 -23.91
C VAL A 32 -23.45 22.43 -23.69
N ASN A 33 -23.96 22.43 -22.46
CA ASN A 33 -25.33 22.01 -22.08
C ASN A 33 -26.25 23.22 -22.18
N ALA A 34 -27.09 23.26 -23.22
CA ALA A 34 -27.98 24.41 -23.50
C ALA A 34 -28.98 24.60 -22.35
N GLU A 35 -29.40 23.53 -21.68
CA GLU A 35 -30.34 23.65 -20.52
C GLU A 35 -29.70 24.46 -19.37
N ALA A 36 -28.40 24.28 -19.15
CA ALA A 36 -27.71 24.98 -18.04
C ALA A 36 -27.62 26.47 -18.39
N VAL A 37 -27.40 26.80 -19.67
CA VAL A 37 -27.45 28.21 -20.15
C VAL A 37 -28.86 28.76 -19.88
N ARG A 38 -29.92 28.04 -20.28
CA ARG A 38 -31.32 28.55 -20.23
C ARG A 38 -31.66 28.92 -18.79
N HIS A 39 -31.26 28.10 -17.81
CA HIS A 39 -31.54 28.37 -16.37
C HIS A 39 -30.93 29.73 -15.96
N LEU A 40 -29.72 30.05 -16.41
CA LEU A 40 -29.08 31.33 -16.10
C LEU A 40 -29.71 32.48 -16.92
N VAL A 41 -30.07 32.22 -18.18
CA VAL A 41 -30.71 33.29 -19.03
C VAL A 41 -32.02 33.71 -18.35
N ASP A 42 -32.74 32.75 -17.79
CA ASP A 42 -34.05 33.00 -17.11
C ASP A 42 -33.82 33.87 -15.87
N LYS A 43 -32.63 33.86 -15.30
CA LYS A 43 -32.29 34.71 -14.12
C LYS A 43 -31.68 36.03 -14.57
N GLY A 44 -31.53 36.29 -15.88
CA GLY A 44 -31.05 37.59 -16.40
C GLY A 44 -29.69 37.54 -17.08
N ALA A 45 -29.02 36.39 -17.18
CA ALA A 45 -27.76 36.30 -17.95
C ALA A 45 -28.05 36.48 -19.45
N THR A 46 -27.06 36.95 -20.18
CA THR A 46 -27.04 36.95 -21.66
C THR A 46 -26.36 35.64 -22.09
N PRO A 47 -26.97 34.88 -23.02
CA PRO A 47 -26.31 33.69 -23.54
C PRO A 47 -25.23 34.06 -24.54
N ALA A 48 -24.16 33.27 -24.56
CA ALA A 48 -23.11 33.30 -25.59
C ALA A 48 -23.06 31.96 -26.31
N ALA A 49 -22.64 31.97 -27.57
CA ALA A 49 -22.63 30.75 -28.41
C ALA A 49 -21.38 29.94 -28.15
N ASN A 50 -20.33 30.53 -27.58
CA ASN A 50 -19.04 29.83 -27.37
C ASN A 50 -18.19 30.64 -26.41
N PRO A 51 -17.03 30.12 -25.94
CA PRO A 51 -16.22 30.87 -24.98
C PRO A 51 -15.73 32.22 -25.50
N ALA A 52 -15.33 32.31 -26.78
CA ALA A 52 -14.85 33.58 -27.38
C ALA A 52 -15.96 34.63 -27.27
N GLN A 53 -17.20 34.27 -27.62
CA GLN A 53 -18.36 35.21 -27.54
C GLN A 53 -18.56 35.60 -26.07
N ALA A 54 -18.49 34.66 -25.13
CA ALA A 54 -18.74 34.96 -23.71
C ALA A 54 -17.72 36.01 -23.25
N ALA A 55 -16.47 35.88 -23.69
CA ALA A 55 -15.35 36.72 -23.21
C ALA A 55 -15.42 38.13 -23.81
N LYS A 56 -16.03 38.30 -24.99
CA LYS A 56 -16.12 39.61 -25.67
C LYS A 56 -16.77 40.62 -24.73
N ASP A 57 -16.04 41.70 -24.44
CA ASP A 57 -16.47 42.86 -23.62
C ASP A 57 -16.62 42.47 -22.15
N ALA A 58 -16.09 41.34 -21.71
CA ALA A 58 -16.11 40.98 -20.28
C ALA A 58 -14.85 41.53 -19.64
N GLU A 59 -14.96 42.00 -18.40
CA GLU A 59 -13.80 42.45 -17.59
C GLU A 59 -13.20 41.23 -16.85
N PHE A 60 -14.06 40.37 -16.33
CA PHE A 60 -13.65 39.14 -15.58
C PHE A 60 -14.18 37.93 -16.34
N ILE A 61 -13.35 36.89 -16.52
CA ILE A 61 -13.76 35.64 -17.24
C ILE A 61 -13.55 34.49 -16.26
N ILE A 62 -14.64 33.86 -15.82
CA ILE A 62 -14.59 32.77 -14.79
C ILE A 62 -14.80 31.45 -15.51
N THR A 63 -13.93 30.48 -15.25
CA THR A 63 -14.11 29.09 -15.70
C THR A 63 -14.35 28.20 -14.48
N MET A 64 -15.30 27.29 -14.60
CA MET A 64 -15.60 26.32 -13.54
C MET A 64 -15.87 24.98 -14.20
N LEU A 65 -14.79 24.22 -14.47
CA LEU A 65 -14.82 23.08 -15.41
C LEU A 65 -14.23 21.84 -14.77
N PRO A 66 -14.56 20.64 -15.28
CA PRO A 66 -14.15 19.41 -14.61
C PRO A 66 -12.63 19.13 -14.54
N ASN A 67 -11.83 19.62 -15.49
CA ASN A 67 -10.39 19.25 -15.53
C ASN A 67 -9.59 20.25 -16.36
N GLY A 68 -8.27 20.17 -16.25
CA GLY A 68 -7.33 21.13 -16.87
C GLY A 68 -7.33 21.06 -18.38
N ASP A 69 -7.62 19.89 -18.97
CA ASP A 69 -7.70 19.75 -20.45
C ASP A 69 -8.87 20.62 -20.95
N LEU A 70 -10.01 20.59 -20.26
CA LEU A 70 -11.20 21.37 -20.65
C LEU A 70 -10.93 22.86 -20.41
N VAL A 71 -10.26 23.23 -19.32
CA VAL A 71 -9.88 24.65 -19.11
C VAL A 71 -9.00 25.10 -20.29
N ARG A 72 -7.99 24.31 -20.64
CA ARG A 72 -7.09 24.66 -21.76
C ARG A 72 -7.92 24.81 -23.05
N ASN A 73 -8.82 23.86 -23.36
CA ASN A 73 -9.65 23.90 -24.60
CA ASN A 73 -9.65 23.90 -24.60
C ASN A 73 -10.50 25.18 -24.60
N VAL A 74 -11.10 25.51 -23.46
CA VAL A 74 -12.00 26.69 -23.35
C VAL A 74 -11.17 27.97 -23.55
N LEU A 75 -9.92 28.03 -23.09
CA LEU A 75 -9.08 29.26 -23.21
C LEU A 75 -8.40 29.35 -24.60
N PHE A 76 -7.83 28.26 -25.10
CA PHE A 76 -6.88 28.28 -26.25
C PHE A 76 -7.45 27.55 -27.47
N GLY A 77 -8.54 26.80 -27.31
CA GLY A 77 -9.08 25.94 -28.39
C GLY A 77 -9.90 26.74 -29.41
N GLU A 78 -10.64 26.01 -30.24
CA GLU A 78 -11.57 26.55 -31.26
C GLU A 78 -12.55 27.47 -30.55
N ASN A 79 -12.65 28.73 -30.98
CA ASN A 79 -13.60 29.75 -30.44
C ASN A 79 -13.35 29.87 -28.93
N GLY A 80 -12.09 29.79 -28.54
CA GLY A 80 -11.65 29.91 -27.15
C GLY A 80 -11.70 31.35 -26.66
N VAL A 81 -11.63 31.48 -25.34
CA VAL A 81 -11.67 32.79 -24.64
C VAL A 81 -10.66 33.72 -25.27
N CYS A 82 -9.45 33.24 -25.61
CA CYS A 82 -8.37 34.13 -26.09
C CYS A 82 -8.81 34.92 -27.32
N GLU A 83 -9.72 34.37 -28.12
CA GLU A 83 -10.17 35.04 -29.38
C GLU A 83 -11.05 36.25 -29.06
N GLY A 84 -11.67 36.31 -27.87
CA GLY A 84 -12.57 37.42 -27.47
C GLY A 84 -12.04 38.24 -26.32
N LEU A 85 -10.81 37.99 -25.88
CA LEU A 85 -10.30 38.50 -24.59
C LEU A 85 -9.58 39.85 -24.79
N SER A 86 -9.90 40.81 -23.93
CA SER A 86 -9.18 42.11 -23.82
C SER A 86 -7.93 41.93 -22.96
N THR A 87 -6.83 42.62 -23.28
CA THR A 87 -5.58 42.61 -22.48
C THR A 87 -5.80 43.27 -21.11
N ASP A 88 -6.89 44.04 -20.92
CA ASP A 88 -7.25 44.69 -19.63
C ASP A 88 -8.10 43.76 -18.77
N ALA A 89 -8.51 42.60 -19.31
CA ALA A 89 -9.44 41.69 -18.60
C ALA A 89 -8.63 40.79 -17.65
N LEU A 90 -9.32 40.10 -16.75
CA LEU A 90 -8.69 39.14 -15.80
C LEU A 90 -9.44 37.81 -15.90
N VAL A 91 -8.71 36.75 -16.20
CA VAL A 91 -9.27 35.38 -16.22
C VAL A 91 -9.09 34.76 -14.83
N ILE A 92 -10.16 34.18 -14.30
CA ILE A 92 -10.18 33.52 -12.98
C ILE A 92 -10.59 32.08 -13.20
N ASP A 93 -9.65 31.12 -13.09
CA ASP A 93 -10.03 29.69 -13.12
C ASP A 93 -10.37 29.26 -11.70
N MET A 94 -11.61 28.84 -11.47
CA MET A 94 -12.10 28.43 -10.15
C MET A 94 -12.17 26.90 -10.08
N SER A 95 -11.69 26.24 -11.14
CA SER A 95 -11.67 24.76 -11.27
C SER A 95 -10.63 24.16 -10.32
N THR A 96 -10.82 22.90 -9.92
CA THR A 96 -9.75 22.13 -9.23
C THR A 96 -9.05 21.30 -10.31
N ILE A 97 -7.89 21.75 -10.76
CA ILE A 97 -7.10 21.11 -11.82
C ILE A 97 -5.67 20.85 -11.33
N HIS A 98 -4.90 20.16 -12.15
CA HIS A 98 -3.47 19.89 -11.81
C HIS A 98 -2.72 21.21 -11.66
N PRO A 99 -2.04 21.45 -10.53
CA PRO A 99 -1.42 22.75 -10.27
C PRO A 99 -0.31 23.10 -11.29
N LEU A 100 0.37 22.13 -11.87
CA LEU A 100 1.41 22.47 -12.89
C LEU A 100 0.74 22.81 -14.22
N GLN A 101 -0.49 22.32 -14.49
CA GLN A 101 -1.31 22.75 -15.64
C GLN A 101 -1.74 24.21 -15.41
N THR A 102 -2.15 24.55 -14.20
CA THR A 102 -2.47 25.96 -13.83
C THR A 102 -1.27 26.84 -14.15
N ASP A 103 -0.07 26.46 -13.73
CA ASP A 103 1.13 27.32 -13.93
C ASP A 103 1.31 27.51 -15.44
N LYS A 104 1.17 26.45 -16.23
CA LYS A 104 1.42 26.52 -17.71
C LYS A 104 0.32 27.37 -18.36
N LEU A 105 -0.94 27.27 -17.89
CA LEU A 105 -2.03 28.12 -18.44
C LEU A 105 -1.71 29.59 -18.16
N ILE A 106 -1.34 29.92 -16.93
CA ILE A 106 -1.03 31.31 -16.52
C ILE A 106 0.13 31.81 -17.40
N ALA A 107 1.16 31.01 -17.57
CA ALA A 107 2.37 31.42 -18.34
C ALA A 107 2.00 31.61 -19.81
N ASP A 108 1.21 30.69 -20.38
CA ASP A 108 0.81 30.73 -21.81
C ASP A 108 -0.08 31.96 -22.03
N MET A 109 -0.92 32.29 -21.06
CA MET A 109 -1.77 33.51 -21.13
C MET A 109 -0.87 34.75 -21.08
N GLN A 110 0.07 34.81 -20.13
CA GLN A 110 1.00 35.98 -19.95
C GLN A 110 1.77 36.20 -21.25
N ALA A 111 2.18 35.14 -21.95
CA ALA A 111 2.95 35.21 -23.22
C ALA A 111 2.14 35.93 -24.31
N LYS A 112 0.82 35.84 -24.28
CA LYS A 112 -0.11 36.52 -25.23
C LYS A 112 -0.58 37.88 -24.67
N GLY A 113 -0.04 38.34 -23.54
CA GLY A 113 -0.41 39.63 -22.92
C GLY A 113 -1.67 39.56 -22.06
N PHE A 114 -2.12 38.36 -21.67
CA PHE A 114 -3.37 38.17 -20.89
C PHE A 114 -3.04 37.81 -19.42
N SER A 115 -3.91 38.24 -18.51
CA SER A 115 -3.77 38.07 -17.05
C SER A 115 -4.68 36.94 -16.57
N MET A 116 -4.12 35.96 -15.85
CA MET A 116 -4.93 34.82 -15.35
C MET A 116 -4.50 34.49 -13.92
N MET A 117 -5.47 34.16 -13.09
CA MET A 117 -5.26 33.76 -11.67
C MET A 117 -6.11 32.53 -11.35
N ASP A 118 -5.66 31.80 -10.32
CA ASP A 118 -6.30 30.57 -9.84
C ASP A 118 -7.04 30.86 -8.55
N VAL A 119 -8.36 30.69 -8.54
CA VAL A 119 -9.18 30.81 -7.31
C VAL A 119 -10.12 29.63 -7.21
N PRO A 120 -9.58 28.42 -6.91
CA PRO A 120 -10.44 27.28 -6.62
C PRO A 120 -11.20 27.50 -5.30
N VAL A 121 -12.17 26.64 -5.02
CA VAL A 121 -13.09 26.85 -3.88
C VAL A 121 -13.14 25.60 -3.02
N GLY A 122 -13.34 25.81 -1.72
CA GLY A 122 -13.65 24.77 -0.74
C GLY A 122 -15.11 24.84 -0.39
N ARG A 123 -15.60 23.78 0.24
CA ARG A 123 -17.03 23.56 0.59
C ARG A 123 -17.80 23.14 -0.68
N THR A 124 -19.10 22.89 -0.55
CA THR A 124 -19.78 22.02 -1.53
C THR A 124 -20.87 22.84 -2.25
N SER A 125 -21.66 22.16 -3.08
CA SER A 125 -22.69 22.80 -3.94
C SER A 125 -23.74 23.52 -3.07
N ALA A 126 -24.01 23.04 -1.85
CA ALA A 126 -24.97 23.72 -0.94
C ALA A 126 -24.42 25.10 -0.57
N ASN A 127 -23.10 25.18 -0.37
CA ASN A 127 -22.41 26.46 -0.09
C ASN A 127 -22.35 27.33 -1.35
N ALA A 128 -22.21 26.71 -2.53
CA ALA A 128 -22.23 27.49 -3.79
C ALA A 128 -23.58 28.22 -3.90
N ILE A 129 -24.65 27.52 -3.56
CA ILE A 129 -26.02 28.10 -3.63
C ILE A 129 -26.13 29.31 -2.71
N THR A 130 -25.68 29.19 -1.45
CA THR A 130 -25.84 30.26 -0.44
C THR A 130 -24.75 31.32 -0.55
N GLY A 131 -23.71 31.14 -1.40
CA GLY A 131 -22.62 32.10 -1.56
C GLY A 131 -21.66 32.04 -0.38
N THR A 132 -21.50 30.86 0.22
CA THR A 132 -20.65 30.66 1.44
C THR A 132 -19.47 29.73 1.14
N LEU A 133 -19.00 29.72 -0.11
CA LEU A 133 -17.78 28.96 -0.49
C LEU A 133 -16.57 29.57 0.22
N LEU A 134 -15.55 28.74 0.38
CA LEU A 134 -14.20 29.16 0.82
C LEU A 134 -13.42 29.48 -0.43
N LEU A 135 -12.94 30.71 -0.56
CA LEU A 135 -12.22 31.17 -1.77
C LEU A 135 -10.74 31.03 -1.49
N LEU A 136 -10.06 30.19 -2.26
CA LEU A 136 -8.62 29.94 -2.07
C LEU A 136 -7.89 30.71 -3.15
N ALA A 137 -7.56 31.97 -2.87
CA ALA A 137 -7.19 32.96 -3.90
C ALA A 137 -5.69 32.89 -4.15
N GLY A 138 -5.37 32.33 -5.30
CA GLY A 138 -4.07 32.48 -5.98
C GLY A 138 -4.01 33.80 -6.69
N GLY A 139 -2.89 34.08 -7.32
CA GLY A 139 -2.65 35.30 -8.10
C GLY A 139 -1.76 36.27 -7.34
N THR A 140 -1.30 37.30 -8.05
CA THR A 140 -0.53 38.42 -7.45
C THR A 140 -1.41 39.17 -6.46
N ALA A 141 -0.78 39.94 -5.56
CA ALA A 141 -1.51 40.82 -4.62
C ALA A 141 -2.47 41.72 -5.40
N GLU A 142 -2.04 42.24 -6.54
CA GLU A 142 -2.81 43.17 -7.41
C GLU A 142 -4.06 42.43 -7.92
N GLN A 143 -3.88 41.20 -8.40
CA GLN A 143 -4.98 40.39 -8.99
C GLN A 143 -5.98 40.03 -7.90
N VAL A 144 -5.52 39.65 -6.69
CA VAL A 144 -6.45 39.31 -5.60
C VAL A 144 -7.25 40.56 -5.21
N GLU A 145 -6.59 41.70 -5.06
CA GLU A 145 -7.28 42.97 -4.70
C GLU A 145 -8.36 43.26 -5.76
N ARG A 146 -8.00 43.15 -7.05
CA ARG A 146 -8.93 43.47 -8.17
C ARG A 146 -10.11 42.50 -8.18
N ALA A 147 -9.88 41.21 -7.92
CA ALA A 147 -10.92 40.17 -8.04
C ALA A 147 -11.84 40.13 -6.82
N THR A 148 -11.38 40.65 -5.66
CA THR A 148 -12.05 40.38 -4.37
C THR A 148 -13.53 40.74 -4.40
N PRO A 149 -13.92 41.94 -4.89
CA PRO A 149 -15.33 42.34 -4.88
C PRO A 149 -16.25 41.34 -5.61
N ILE A 150 -15.77 40.81 -6.74
CA ILE A 150 -16.45 39.77 -7.56
C ILE A 150 -16.53 38.48 -6.73
N LEU A 151 -15.39 38.06 -6.20
CA LEU A 151 -15.26 36.75 -5.48
C LEU A 151 -16.21 36.72 -4.28
N MET A 152 -16.38 37.84 -3.57
CA MET A 152 -17.20 37.86 -2.34
C MET A 152 -18.70 37.73 -2.65
N ALA A 153 -19.13 37.78 -3.93
CA ALA A 153 -20.51 37.42 -4.32
C ALA A 153 -20.72 35.91 -4.26
N MET A 154 -19.64 35.12 -4.41
CA MET A 154 -19.74 33.64 -4.51
C MET A 154 -19.28 32.92 -3.24
N GLY A 155 -18.42 33.55 -2.45
CA GLY A 155 -17.93 32.95 -1.21
C GLY A 155 -18.02 33.91 -0.03
N SER A 156 -17.87 33.37 1.17
CA SER A 156 -18.02 34.14 2.44
C SER A 156 -16.66 34.36 3.10
N GLU A 157 -15.62 33.67 2.65
CA GLU A 157 -14.29 33.67 3.32
C GLU A 157 -13.24 33.60 2.23
N LEU A 158 -12.31 34.53 2.20
CA LEU A 158 -11.25 34.57 1.18
C LEU A 158 -9.92 34.37 1.91
N ILE A 159 -9.17 33.37 1.48
CA ILE A 159 -7.79 33.14 1.96
C ILE A 159 -6.84 33.51 0.84
N ASN A 160 -5.97 34.49 1.10
CA ASN A 160 -4.94 34.93 0.14
C ASN A 160 -3.81 33.89 0.23
N ALA A 161 -3.67 33.03 -0.78
CA ALA A 161 -2.75 31.86 -0.73
C ALA A 161 -1.32 32.33 -0.99
N GLY A 162 -1.13 33.58 -1.43
CA GLY A 162 0.20 34.22 -1.47
C GLY A 162 0.91 34.17 -2.80
N GLY A 163 0.24 33.94 -3.92
CA GLY A 163 0.89 34.10 -5.24
C GLY A 163 0.22 33.31 -6.36
N PRO A 164 0.61 33.58 -7.62
CA PRO A 164 0.13 32.82 -8.78
C PRO A 164 0.33 31.31 -8.56
N GLY A 165 -0.74 30.54 -8.73
CA GLY A 165 -0.67 29.05 -8.58
C GLY A 165 -0.73 28.59 -7.13
N MET A 166 -0.76 29.48 -6.15
CA MET A 166 -0.77 29.05 -4.72
C MET A 166 -2.19 28.68 -4.27
N GLY A 167 -3.23 29.19 -4.95
CA GLY A 167 -4.61 28.82 -4.60
C GLY A 167 -4.85 27.36 -4.94
N ILE A 168 -4.47 26.97 -6.15
CA ILE A 168 -4.70 25.56 -6.58
C ILE A 168 -3.79 24.67 -5.76
N ARG A 169 -2.59 25.13 -5.39
CA ARG A 169 -1.69 24.29 -4.55
C ARG A 169 -2.33 24.06 -3.18
N VAL A 170 -2.88 25.08 -2.51
CA VAL A 170 -3.42 24.88 -1.17
C VAL A 170 -4.74 24.09 -1.26
N LYS A 171 -5.53 24.25 -2.34
CA LYS A 171 -6.73 23.41 -2.54
C LYS A 171 -6.29 21.94 -2.64
N LEU A 172 -5.24 21.68 -3.39
CA LEU A 172 -4.81 20.28 -3.63
C LEU A 172 -4.29 19.68 -2.30
N ILE A 173 -3.51 20.41 -1.53
CA ILE A 173 -2.98 19.87 -0.24
C ILE A 173 -4.14 19.58 0.68
N ASN A 174 -5.07 20.53 0.82
CA ASN A 174 -6.26 20.36 1.65
C ASN A 174 -7.05 19.11 1.24
N ASN A 175 -7.37 19.00 -0.05
CA ASN A 175 -8.23 17.88 -0.50
C ASN A 175 -7.47 16.56 -0.40
N TYR A 176 -6.20 16.55 -0.77
CA TYR A 176 -5.36 15.33 -0.64
C TYR A 176 -5.51 14.85 0.80
N MET A 177 -5.20 15.71 1.75
CA MET A 177 -5.24 15.35 3.17
C MET A 177 -6.63 14.87 3.58
N SER A 178 -7.69 15.60 3.28
CA SER A 178 -9.03 15.21 3.78
C SER A 178 -9.46 13.91 3.09
N ILE A 179 -9.19 13.75 1.79
CA ILE A 179 -9.71 12.58 1.05
C ILE A 179 -8.99 11.34 1.57
N ALA A 180 -7.66 11.39 1.72
CA ALA A 180 -6.91 10.22 2.24
C ALA A 180 -7.27 9.97 3.70
N LEU A 181 -7.42 11.03 4.50
CA LEU A 181 -7.77 10.92 5.95
C LEU A 181 -9.08 10.15 6.14
N ASN A 182 -10.04 10.33 5.23
CA ASN A 182 -11.34 9.63 5.31
C ASN A 182 -11.10 8.11 5.30
N ALA A 183 -10.24 7.61 4.40
CA ALA A 183 -9.99 6.16 4.30
C ALA A 183 -9.31 5.66 5.58
N LEU A 184 -8.37 6.42 6.15
CA LEU A 184 -7.69 6.00 7.41
C LEU A 184 -8.72 5.99 8.55
N SER A 185 -9.52 7.06 8.62
CA SER A 185 -10.59 7.20 9.64
C SER A 185 -11.51 5.98 9.62
N ALA A 186 -11.89 5.52 8.41
CA ALA A 186 -12.75 4.33 8.25
C ALA A 186 -12.08 3.09 8.84
N GLU A 187 -10.78 2.88 8.59
CA GLU A 187 -10.05 1.71 9.15
C GLU A 187 -10.14 1.76 10.68
N ALA A 188 -9.88 2.92 11.29
CA ALA A 188 -9.90 3.03 12.78
C ALA A 188 -11.31 2.73 13.28
N ALA A 189 -12.34 3.26 12.62
CA ALA A 189 -13.76 3.10 13.04
C ALA A 189 -14.20 1.64 12.89
N VAL A 190 -13.79 0.95 11.84
CA VAL A 190 -14.21 -0.45 11.64
C VAL A 190 -13.46 -1.36 12.61
N LEU A 191 -12.19 -1.10 12.87
CA LEU A 191 -11.44 -1.88 13.90
C LEU A 191 -12.12 -1.68 15.25
N CYS A 192 -12.58 -0.46 15.54
CA CYS A 192 -13.33 -0.10 16.77
C CYS A 192 -14.59 -0.97 16.87
N GLU A 193 -15.37 -1.05 15.79
CA GLU A 193 -16.59 -1.89 15.75
C GLU A 193 -16.22 -3.37 15.95
N ALA A 194 -15.17 -3.86 15.29
CA ALA A 194 -14.79 -5.29 15.36
C ALA A 194 -14.37 -5.65 16.79
N LEU A 195 -13.86 -4.68 17.55
CA LEU A 195 -13.45 -4.87 18.98
C LEU A 195 -14.64 -4.66 19.92
N ASN A 196 -15.83 -4.38 19.40
CA ASN A 196 -17.07 -4.16 20.22
C ASN A 196 -16.89 -2.95 21.14
N LEU A 197 -16.13 -1.95 20.72
CA LEU A 197 -16.00 -0.68 21.46
C LEU A 197 -16.97 0.32 20.82
N PRO A 198 -17.91 0.91 21.58
CA PRO A 198 -18.76 1.96 21.04
C PRO A 198 -17.95 3.13 20.48
N PHE A 199 -18.31 3.53 19.26
CA PHE A 199 -17.58 4.55 18.46
C PHE A 199 -17.51 5.88 19.22
N ASP A 200 -18.59 6.29 19.89
CA ASP A 200 -18.63 7.59 20.62
C ASP A 200 -17.51 7.65 21.69
N VAL A 201 -17.18 6.53 22.33
CA VAL A 201 -16.12 6.46 23.37
C VAL A 201 -14.77 6.74 22.69
N ALA A 202 -14.52 6.08 21.57
CA ALA A 202 -13.29 6.34 20.78
C ALA A 202 -13.24 7.80 20.34
N VAL A 203 -14.34 8.35 19.80
CA VAL A 203 -14.34 9.76 19.33
C VAL A 203 -14.01 10.71 20.50
N LYS A 204 -14.57 10.45 21.67
CA LYS A 204 -14.34 11.28 22.88
C LYS A 204 -12.84 11.27 23.19
N VAL A 205 -12.19 10.11 23.22
CA VAL A 205 -10.73 10.03 23.49
C VAL A 205 -9.96 10.74 22.38
N MET A 206 -10.25 10.41 21.11
CA MET A 206 -9.47 10.94 19.97
C MET A 206 -9.61 12.46 19.87
N SER A 207 -10.74 13.04 20.31
CA SER A 207 -10.98 14.50 20.25
C SER A 207 -9.96 15.25 21.12
N GLY A 208 -9.32 14.57 22.06
CA GLY A 208 -8.32 15.19 22.98
C GLY A 208 -6.87 14.88 22.60
N THR A 209 -6.62 14.16 21.49
CA THR A 209 -5.25 13.74 21.09
C THR A 209 -4.99 14.11 19.63
N ALA A 210 -3.80 13.82 19.13
CA ALA A 210 -3.46 14.00 17.69
C ALA A 210 -4.39 13.16 16.81
N ALA A 211 -4.98 12.08 17.33
CA ALA A 211 -5.83 11.17 16.51
C ALA A 211 -7.00 11.99 15.94
N GLY A 212 -7.62 12.82 16.77
CA GLY A 212 -8.78 13.62 16.36
C GLY A 212 -8.45 15.09 16.10
N LYS A 213 -7.34 15.62 16.62
CA LYS A 213 -6.97 17.05 16.47
C LYS A 213 -5.93 17.22 15.36
N GLY A 214 -5.29 16.14 14.92
CA GLY A 214 -4.20 16.24 13.93
C GLY A 214 -2.85 16.47 14.60
N HIS A 215 -1.76 16.14 13.90
CA HIS A 215 -0.36 16.36 14.30
C HIS A 215 0.11 17.77 13.99
N PHE A 216 -0.42 18.40 12.93
CA PHE A 216 0.11 19.66 12.38
C PHE A 216 0.28 20.72 13.49
N THR A 217 -0.67 20.80 14.41
CA THR A 217 -0.69 21.85 15.47
C THR A 217 -0.51 21.24 16.88
N THR A 218 -0.22 19.95 16.99
CA THR A 218 -0.09 19.28 18.33
C THR A 218 1.32 18.70 18.48
N SER A 219 1.57 17.52 17.94
CA SER A 219 2.85 16.77 17.99
C SER A 219 4.00 17.55 17.35
N TRP A 220 3.75 18.24 16.24
CA TRP A 220 4.82 18.72 15.35
C TRP A 220 5.47 20.04 15.79
N PRO A 221 4.71 21.07 16.20
CA PRO A 221 5.30 22.42 16.34
C PRO A 221 6.56 22.51 17.23
N ASN A 222 6.54 21.86 18.38
CA ASN A 222 7.61 21.95 19.41
C ASN A 222 8.66 20.86 19.17
N LYS A 223 8.45 19.93 18.24
CA LYS A 223 9.45 18.87 17.97
C LYS A 223 10.04 19.07 16.58
N VAL A 224 9.62 18.30 15.58
CA VAL A 224 10.29 18.37 14.25
C VAL A 224 10.31 19.82 13.73
N LEU A 225 9.20 20.56 13.85
CA LEU A 225 9.10 21.89 13.20
C LEU A 225 10.00 22.91 13.92
N SER A 226 10.47 22.58 15.13
CA SER A 226 11.44 23.37 15.92
C SER A 226 12.85 22.79 15.78
N GLY A 227 13.05 21.76 14.95
CA GLY A 227 14.36 21.10 14.78
C GLY A 227 14.72 20.25 15.99
N ASP A 228 13.75 19.86 16.84
CA ASP A 228 13.99 19.02 18.04
C ASP A 228 13.38 17.62 17.82
N LEU A 229 14.21 16.60 17.62
CA LEU A 229 13.75 15.20 17.41
C LEU A 229 14.01 14.36 18.67
N SER A 230 14.32 14.98 19.81
CA SER A 230 14.39 14.24 21.10
C SER A 230 13.02 13.65 21.37
N PRO A 231 12.90 12.37 21.78
CA PRO A 231 11.60 11.71 21.79
C PRO A 231 10.63 12.10 22.91
N ALA A 232 9.40 12.47 22.53
CA ALA A 232 8.22 12.42 23.42
C ALA A 232 7.57 11.04 23.23
N PHE A 233 7.43 10.60 21.99
CA PHE A 233 6.91 9.26 21.66
C PHE A 233 7.86 8.66 20.64
N MET A 234 8.68 7.69 21.03
CA MET A 234 9.75 7.15 20.18
C MET A 234 9.12 6.40 18.98
N ILE A 235 9.78 6.53 17.83
CA ILE A 235 9.41 5.81 16.58
C ILE A 235 9.37 4.30 16.86
N ASP A 236 10.31 3.76 17.59
CA ASP A 236 10.28 2.32 17.97
C ASP A 236 8.96 1.96 18.65
N LEU A 237 8.46 2.75 19.60
CA LEU A 237 7.21 2.41 20.34
C LEU A 237 6.02 2.58 19.41
N ALA A 238 6.01 3.64 18.59
CA ALA A 238 4.91 3.87 17.60
C ALA A 238 4.84 2.65 16.67
N HIS A 239 6.00 2.21 16.17
CA HIS A 239 6.11 1.04 15.25
C HIS A 239 5.56 -0.20 15.95
N LYS A 240 5.88 -0.40 17.24
CA LYS A 240 5.42 -1.59 17.99
C LYS A 240 3.91 -1.54 18.12
N ASP A 241 3.32 -0.41 18.55
CA ASP A 241 1.86 -0.29 18.78
C ASP A 241 1.13 -0.50 17.45
N LEU A 242 1.67 0.01 16.35
CA LEU A 242 1.07 -0.17 15.00
C LEU A 242 1.08 -1.66 14.62
N GLY A 243 2.15 -2.39 14.95
CA GLY A 243 2.21 -3.85 14.78
C GLY A 243 1.09 -4.54 15.54
N ILE A 244 0.83 -4.18 16.79
CA ILE A 244 -0.27 -4.77 17.57
C ILE A 244 -1.60 -4.48 16.87
N ALA A 245 -1.84 -3.24 16.43
CA ALA A 245 -3.12 -2.86 15.80
C ALA A 245 -3.30 -3.71 14.54
N LEU A 246 -2.24 -3.91 13.74
CA LEU A 246 -2.35 -4.72 12.50
C LEU A 246 -2.53 -6.19 12.85
N ASP A 247 -1.92 -6.69 13.92
CA ASP A 247 -2.13 -8.08 14.37
C ASP A 247 -3.61 -8.26 14.69
N VAL A 248 -4.18 -7.36 15.46
CA VAL A 248 -5.61 -7.42 15.86
C VAL A 248 -6.48 -7.37 14.61
N ALA A 249 -6.25 -6.38 13.75
CA ALA A 249 -7.05 -6.23 12.51
C ALA A 249 -7.01 -7.52 11.67
N ASN A 250 -5.83 -8.10 11.52
CA ASN A 250 -5.66 -9.32 10.70
C ASN A 250 -6.34 -10.52 11.40
N GLN A 251 -6.35 -10.56 12.73
CA GLN A 251 -7.07 -11.64 13.44
C GLN A 251 -8.57 -11.44 13.22
N LEU A 252 -9.06 -10.20 13.16
CA LEU A 252 -10.50 -9.88 13.10
C LEU A 252 -10.98 -9.63 11.65
N HIS A 253 -10.12 -9.87 10.66
CA HIS A 253 -10.36 -9.62 9.21
C HIS A 253 -10.98 -8.25 8.97
N VAL A 254 -10.35 -7.24 9.53
CA VAL A 254 -10.59 -5.81 9.21
C VAL A 254 -9.45 -5.37 8.31
N PRO A 255 -9.67 -5.24 6.99
CA PRO A 255 -8.60 -4.79 6.10
C PRO A 255 -8.17 -3.37 6.40
N MET A 256 -6.86 -3.16 6.57
CA MET A 256 -6.32 -1.84 6.93
C MET A 256 -5.14 -1.53 6.01
N PRO A 257 -5.39 -1.30 4.71
CA PRO A 257 -4.28 -0.99 3.81
C PRO A 257 -3.49 0.28 4.18
N LEU A 258 -4.13 1.36 4.64
CA LEU A 258 -3.35 2.55 5.04
C LEU A 258 -2.48 2.24 6.27
N GLY A 259 -3.04 1.57 7.25
CA GLY A 259 -2.24 1.16 8.41
C GLY A 259 -1.04 0.30 8.03
N ALA A 260 -1.28 -0.70 7.17
CA ALA A 260 -0.21 -1.59 6.69
C ALA A 260 0.87 -0.77 6.00
N ALA A 261 0.49 0.14 5.09
CA ALA A 261 1.46 0.97 4.39
C ALA A 261 2.22 1.84 5.43
N SER A 262 1.51 2.42 6.39
CA SER A 262 2.13 3.32 7.41
C SER A 262 3.23 2.56 8.18
N ARG A 263 2.99 1.28 8.49
CA ARG A 263 3.99 0.55 9.30
C ARG A 263 5.27 0.40 8.49
N GLU A 264 5.19 0.22 7.16
CA GLU A 264 6.39 0.08 6.35
C GLU A 264 7.14 1.43 6.28
N VAL A 265 6.44 2.57 6.39
CA VAL A 265 7.12 3.90 6.47
C VAL A 265 7.87 4.00 7.82
N TYR A 266 7.27 3.60 8.90
CA TYR A 266 7.95 3.58 10.23
C TYR A 266 9.13 2.60 10.18
N SER A 267 8.97 1.48 9.49
CA SER A 267 10.06 0.48 9.34
C SER A 267 11.24 1.11 8.59
N GLN A 268 10.98 1.85 7.51
CA GLN A 268 12.01 2.61 6.75
C GLN A 268 12.69 3.61 7.72
N ALA A 269 11.94 4.28 8.56
CA ALA A 269 12.51 5.26 9.52
C ALA A 269 13.48 4.52 10.47
N ARG A 270 13.10 3.35 10.95
CA ARG A 270 13.96 2.54 11.85
C ARG A 270 15.22 2.15 11.08
N ALA A 271 15.07 1.71 9.83
CA ALA A 271 16.21 1.27 9.03
C ALA A 271 17.18 2.43 8.85
N ALA A 272 16.67 3.66 8.77
CA ALA A 272 17.48 4.88 8.55
C ALA A 272 18.12 5.35 9.87
N GLY A 273 17.95 4.63 10.97
CA GLY A 273 18.51 5.05 12.28
C GLY A 273 17.65 5.99 13.10
N ARG A 274 16.35 6.12 12.85
CA ARG A 274 15.48 7.09 13.56
C ARG A 274 14.65 6.45 14.69
N GLY A 275 14.87 5.19 15.05
CA GLY A 275 14.03 4.44 16.00
C GLY A 275 13.89 5.15 17.36
N ARG A 276 14.95 5.81 17.79
CA ARG A 276 14.99 6.49 19.12
C ARG A 276 14.62 7.98 18.99
N GLN A 277 14.23 8.45 17.79
CA GLN A 277 13.73 9.84 17.59
C GLN A 277 12.24 9.95 17.89
N ASP A 278 11.79 11.17 18.12
CA ASP A 278 10.36 11.50 18.30
C ASP A 278 9.59 11.04 17.04
N TRP A 279 8.35 10.66 17.21
CA TRP A 279 7.52 10.24 16.04
C TRP A 279 7.38 11.37 15.03
N SER A 280 7.48 12.64 15.43
CA SER A 280 7.42 13.76 14.46
C SER A 280 8.58 13.69 13.47
N ALA A 281 9.63 12.92 13.74
CA ALA A 281 10.74 12.74 12.79
C ALA A 281 10.26 12.01 11.51
N ILE A 282 9.08 11.41 11.51
CA ILE A 282 8.54 10.79 10.26
C ILE A 282 8.47 11.87 9.17
N LEU A 283 8.19 13.12 9.52
CA LEU A 283 8.20 14.23 8.53
C LEU A 283 9.57 14.31 7.86
N GLU A 284 10.65 14.32 8.65
CA GLU A 284 12.02 14.36 8.09
C GLU A 284 12.30 13.12 7.24
N GLN A 285 11.84 11.93 7.68
CA GLN A 285 12.03 10.69 6.89
C GLN A 285 11.37 10.86 5.51
N VAL A 286 10.18 11.43 5.47
CA VAL A 286 9.45 11.56 4.18
C VAL A 286 10.15 12.60 3.33
N ARG A 287 10.60 13.71 3.91
CA ARG A 287 11.38 14.74 3.17
C ARG A 287 12.60 14.09 2.53
N VAL A 288 13.39 13.32 3.31
CA VAL A 288 14.62 12.69 2.77
C VAL A 288 14.25 11.66 1.67
N SER A 289 13.17 10.92 1.85
CA SER A 289 12.66 9.94 0.86
C SER A 289 12.27 10.65 -0.45
N ALA A 290 11.89 11.91 -0.36
CA ALA A 290 11.47 12.74 -1.52
C ALA A 290 12.66 13.46 -2.12
N GLY A 291 13.88 13.14 -1.69
CA GLY A 291 15.11 13.72 -2.24
C GLY A 291 15.38 15.13 -1.74
N MET A 292 14.74 15.57 -0.67
CA MET A 292 14.99 16.92 -0.10
C MET A 292 16.21 16.84 0.83
N THR A 293 16.85 17.99 1.04
CA THR A 293 17.99 18.14 1.98
C THR A 293 17.47 18.02 3.43
N ALA A 294 18.08 17.14 4.23
CA ALA A 294 17.71 16.96 5.65
C ALA A 294 17.80 18.32 6.36
N LYS A 295 16.82 18.62 7.20
CA LYS A 295 16.84 19.72 8.20
C LYS A 295 17.26 19.10 9.53
N ALA B 2 14.07 -47.40 12.07
CA ALA B 2 14.50 -46.54 13.18
C ALA B 2 13.35 -46.31 14.14
N ALA B 3 13.66 -45.94 15.38
CA ALA B 3 12.69 -45.56 16.43
C ALA B 3 12.42 -44.06 16.30
N ILE B 4 11.18 -43.70 16.03
CA ILE B 4 10.79 -42.30 15.71
C ILE B 4 9.65 -41.90 16.63
N ALA B 5 9.69 -40.69 17.16
CA ALA B 5 8.57 -40.02 17.82
C ALA B 5 8.00 -39.02 16.81
N PHE B 6 6.68 -38.96 16.69
CA PHE B 6 6.00 -37.98 15.82
C PHE B 6 4.96 -37.25 16.63
N ILE B 7 5.11 -35.92 16.72
CA ILE B 7 4.21 -35.05 17.51
C ILE B 7 3.56 -34.05 16.57
N GLY B 8 2.25 -34.09 16.49
CA GLY B 8 1.48 -33.30 15.52
C GLY B 8 1.02 -34.16 14.36
N LEU B 9 -0.20 -34.71 14.47
CA LEU B 9 -0.74 -35.66 13.49
C LEU B 9 -1.93 -35.04 12.74
N GLY B 10 -1.73 -33.84 12.18
CA GLY B 10 -2.80 -33.12 11.46
C GLY B 10 -2.86 -33.47 9.98
N GLN B 11 -3.38 -32.53 9.17
CA GLN B 11 -3.51 -32.69 7.71
C GLN B 11 -2.16 -33.10 7.09
N MET B 12 -1.03 -32.56 7.59
CA MET B 12 0.30 -32.91 7.06
C MET B 12 0.91 -34.02 7.92
N GLY B 13 0.88 -33.86 9.23
CA GLY B 13 1.58 -34.78 10.15
C GLY B 13 1.08 -36.22 10.02
N SER B 14 -0.22 -36.40 9.92
CA SER B 14 -0.78 -37.79 9.89
C SER B 14 -0.26 -38.56 8.67
N PRO B 15 -0.38 -38.07 7.43
CA PRO B 15 0.17 -38.78 6.28
C PRO B 15 1.70 -38.93 6.31
N MET B 16 2.41 -37.95 6.89
CA MET B 16 3.89 -38.03 6.98
C MET B 16 4.25 -39.21 7.91
N ALA B 17 3.60 -39.28 9.06
CA ALA B 17 3.81 -40.36 10.05
C ALA B 17 3.42 -41.69 9.40
N SER B 18 2.33 -41.69 8.64
CA SER B 18 1.83 -42.91 7.93
C SER B 18 2.89 -43.44 6.97
N ASN B 19 3.54 -42.55 6.22
CA ASN B 19 4.61 -42.92 5.27
C ASN B 19 5.81 -43.50 6.03
N LEU B 20 6.17 -42.97 7.19
CA LEU B 20 7.29 -43.53 7.98
C LEU B 20 6.93 -44.96 8.41
N LEU B 21 5.70 -45.19 8.87
CA LEU B 21 5.25 -46.56 9.25
C LEU B 21 5.34 -47.50 8.05
N GLN B 22 4.90 -47.06 6.87
CA GLN B 22 4.91 -47.85 5.62
C GLN B 22 6.33 -48.27 5.26
N GLN B 23 7.35 -47.49 5.62
CA GLN B 23 8.77 -47.81 5.31
C GLN B 23 9.39 -48.66 6.42
N GLY B 24 8.62 -49.05 7.45
CA GLY B 24 9.05 -50.04 8.45
C GLY B 24 9.64 -49.45 9.70
N HIS B 25 9.53 -48.15 9.92
CA HIS B 25 9.98 -47.52 11.19
C HIS B 25 8.98 -47.82 12.30
N GLN B 26 9.44 -47.81 13.55
CA GLN B 26 8.59 -47.89 14.75
C GLN B 26 8.29 -46.46 15.20
N LEU B 27 7.02 -46.06 15.20
CA LEU B 27 6.61 -44.70 15.61
C LEU B 27 5.85 -44.73 16.91
N ARG B 28 6.23 -43.85 17.84
CA ARG B 28 5.47 -43.50 19.05
C ARG B 28 4.87 -42.12 18.72
N VAL B 29 3.56 -41.95 18.81
CA VAL B 29 2.91 -40.71 18.27
C VAL B 29 2.13 -40.05 19.38
N PHE B 30 2.05 -38.71 19.33
CA PHE B 30 1.29 -37.89 20.27
C PHE B 30 0.63 -36.75 19.49
N ASP B 31 -0.63 -36.50 19.83
CA ASP B 31 -1.40 -35.32 19.41
C ASP B 31 -2.42 -35.05 20.50
N VAL B 32 -2.78 -33.79 20.72
CA VAL B 32 -3.83 -33.45 21.73
C VAL B 32 -5.18 -34.01 21.27
N ASN B 33 -5.33 -34.32 19.98
CA ASN B 33 -6.53 -34.96 19.38
C ASN B 33 -6.33 -36.47 19.46
N ALA B 34 -7.02 -37.13 20.39
CA ALA B 34 -6.82 -38.57 20.67
C ALA B 34 -7.21 -39.38 19.44
N GLU B 35 -8.18 -38.92 18.64
CA GLU B 35 -8.62 -39.64 17.42
C GLU B 35 -7.45 -39.71 16.42
N ALA B 36 -6.65 -38.66 16.29
CA ALA B 36 -5.51 -38.65 15.35
C ALA B 36 -4.46 -39.67 15.80
N VAL B 37 -4.25 -39.81 17.11
CA VAL B 37 -3.37 -40.89 17.66
C VAL B 37 -3.93 -42.25 17.24
N ARG B 38 -5.23 -42.47 17.48
CA ARG B 38 -5.83 -43.83 17.30
C ARG B 38 -5.74 -44.23 15.84
N HIS B 39 -5.92 -43.29 14.89
CA HIS B 39 -5.85 -43.56 13.44
C HIS B 39 -4.46 -44.10 13.08
N LEU B 40 -3.39 -43.54 13.68
CA LEU B 40 -2.02 -44.01 13.43
C LEU B 40 -1.76 -45.32 14.22
N VAL B 41 -2.31 -45.46 15.41
CA VAL B 41 -2.14 -46.75 16.18
C VAL B 41 -2.74 -47.90 15.36
N ASP B 42 -3.85 -47.65 14.69
CA ASP B 42 -4.53 -48.66 13.84
C ASP B 42 -3.62 -49.04 12.66
N LYS B 43 -2.69 -48.17 12.27
CA LYS B 43 -1.74 -48.44 11.17
C LYS B 43 -0.43 -49.02 11.72
N GLY B 44 -0.30 -49.20 13.04
CA GLY B 44 0.90 -49.84 13.63
C GLY B 44 1.78 -48.92 14.46
N ALA B 45 1.42 -47.65 14.68
CA ALA B 45 2.10 -46.77 15.64
C ALA B 45 1.81 -47.25 17.06
N THR B 46 2.63 -46.84 18.04
CA THR B 46 2.33 -46.95 19.48
C THR B 46 1.89 -45.58 20.00
N PRO B 47 0.95 -45.53 20.96
CA PRO B 47 0.48 -44.27 21.50
C PRO B 47 1.43 -43.75 22.58
N ALA B 48 1.47 -42.44 22.71
CA ALA B 48 2.05 -41.75 23.88
C ALA B 48 1.03 -40.81 24.50
N ALA B 49 1.08 -40.63 25.81
CA ALA B 49 0.14 -39.74 26.54
C ALA B 49 0.64 -38.29 26.48
N ASN B 50 1.90 -38.06 26.11
CA ASN B 50 2.48 -36.69 26.09
C ASN B 50 3.79 -36.73 25.33
N PRO B 51 4.38 -35.54 25.01
CA PRO B 51 5.61 -35.52 24.23
C PRO B 51 6.79 -36.25 24.89
N ALA B 52 6.94 -36.16 26.21
CA ALA B 52 8.05 -36.83 26.93
C ALA B 52 7.96 -38.35 26.71
N GLN B 53 6.75 -38.92 26.83
CA GLN B 53 6.53 -40.38 26.59
C GLN B 53 6.88 -40.72 25.13
N ALA B 54 6.47 -39.88 24.17
CA ALA B 54 6.71 -40.15 22.73
C ALA B 54 8.21 -40.21 22.50
N ALA B 55 8.97 -39.32 23.14
CA ALA B 55 10.41 -39.16 22.89
C ALA B 55 11.25 -40.28 23.54
N LYS B 56 10.72 -40.94 24.59
CA LYS B 56 11.49 -41.98 25.36
C LYS B 56 11.98 -43.07 24.39
N ASP B 57 13.29 -43.24 24.29
CA ASP B 57 14.00 -44.26 23.48
C ASP B 57 13.84 -44.01 21.98
N ALA B 58 13.37 -42.84 21.54
CA ALA B 58 13.32 -42.50 20.10
C ALA B 58 14.70 -42.00 19.65
N GLU B 59 15.08 -42.33 18.42
CA GLU B 59 16.32 -41.83 17.79
C GLU B 59 16.01 -40.49 17.10
N PHE B 60 14.86 -40.39 16.43
CA PHE B 60 14.41 -39.15 15.73
C PHE B 60 13.11 -38.69 16.34
N ILE B 61 12.97 -37.39 16.60
CA ILE B 61 11.72 -36.79 17.15
C ILE B 61 11.27 -35.74 16.15
N ILE B 62 10.11 -35.91 15.53
CA ILE B 62 9.58 -35.01 14.47
C ILE B 62 8.40 -34.26 15.04
N THR B 63 8.39 -32.94 14.86
CA THR B 63 7.25 -32.08 15.24
C THR B 63 6.65 -31.48 13.97
N MET B 64 5.32 -31.46 13.88
CA MET B 64 4.62 -30.88 12.72
C MET B 64 3.42 -30.13 13.26
N LEU B 65 3.63 -28.85 13.64
CA LEU B 65 2.70 -28.14 14.53
C LEU B 65 2.37 -26.77 13.93
N PRO B 66 1.24 -26.16 14.36
CA PRO B 66 0.78 -24.94 13.69
C PRO B 66 1.66 -23.70 13.85
N ASN B 67 2.42 -23.57 14.93
CA ASN B 67 3.20 -22.33 15.20
C ASN B 67 4.34 -22.60 16.19
N GLY B 68 5.26 -21.63 16.29
CA GLY B 68 6.48 -21.79 17.11
C GLY B 68 6.19 -21.81 18.62
N ASP B 69 5.09 -21.21 19.08
CA ASP B 69 4.72 -21.28 20.52
C ASP B 69 4.37 -22.74 20.88
N LEU B 70 3.65 -23.42 19.99
CA LEU B 70 3.26 -24.85 20.21
C LEU B 70 4.51 -25.73 20.10
N VAL B 71 5.42 -25.46 19.16
CA VAL B 71 6.69 -26.23 19.10
C VAL B 71 7.43 -26.06 20.42
N ARG B 72 7.57 -24.82 20.90
CA ARG B 72 8.25 -24.55 22.19
C ARG B 72 7.57 -25.32 23.31
N ASN B 73 6.24 -25.27 23.42
CA ASN B 73 5.47 -25.97 24.50
C ASN B 73 5.75 -27.48 24.43
N VAL B 74 5.71 -28.05 23.22
CA VAL B 74 5.93 -29.50 23.03
C VAL B 74 7.36 -29.89 23.42
N LEU B 75 8.34 -29.03 23.18
CA LEU B 75 9.77 -29.35 23.50
C LEU B 75 10.10 -29.05 24.97
N PHE B 76 9.67 -27.91 25.52
CA PHE B 76 10.19 -27.40 26.81
C PHE B 76 9.11 -27.34 27.88
N GLY B 77 7.84 -27.54 27.51
CA GLY B 77 6.69 -27.39 28.44
C GLY B 77 6.54 -28.58 29.36
N GLU B 78 5.41 -28.62 30.07
CA GLU B 78 5.00 -29.73 30.97
C GLU B 78 5.04 -31.03 30.16
N ASN B 79 5.79 -32.02 30.65
CA ASN B 79 5.93 -33.36 30.02
C ASN B 79 6.38 -33.18 28.58
N GLY B 80 7.27 -32.22 28.37
CA GLY B 80 7.86 -31.90 27.05
C GLY B 80 8.87 -32.94 26.59
N VAL B 81 9.22 -32.87 25.32
CA VAL B 81 10.18 -33.78 24.67
C VAL B 81 11.44 -33.85 25.53
N CYS B 82 11.92 -32.72 26.02
CA CYS B 82 13.23 -32.65 26.73
C CYS B 82 13.27 -33.64 27.89
N GLU B 83 12.13 -33.92 28.53
CA GLU B 83 12.08 -34.79 29.73
C GLU B 83 12.34 -36.25 29.34
N GLY B 84 12.10 -36.64 28.08
CA GLY B 84 12.26 -38.02 27.59
C GLY B 84 13.35 -38.18 26.56
N LEU B 85 14.12 -37.12 26.29
CA LEU B 85 15.02 -37.05 25.13
C LEU B 85 16.43 -37.53 25.51
N SER B 86 16.99 -38.40 24.66
CA SER B 86 18.39 -38.86 24.72
C SER B 86 19.29 -37.82 24.05
N THR B 87 20.50 -37.60 24.59
CA THR B 87 21.51 -36.68 23.97
C THR B 87 22.00 -37.24 22.63
N ASP B 88 21.77 -38.53 22.32
CA ASP B 88 22.16 -39.18 21.03
C ASP B 88 21.07 -38.97 19.97
N ALA B 89 19.89 -38.48 20.37
CA ALA B 89 18.72 -38.39 19.47
C ALA B 89 18.81 -37.08 18.66
N LEU B 90 17.98 -36.96 17.60
CA LEU B 90 17.93 -35.76 16.73
C LEU B 90 16.47 -35.31 16.65
N VAL B 91 16.22 -34.06 17.00
CA VAL B 91 14.87 -33.42 16.88
C VAL B 91 14.81 -32.75 15.50
N ILE B 92 13.74 -33.01 14.77
CA ILE B 92 13.49 -32.45 13.41
C ILE B 92 12.17 -31.68 13.51
N ASP B 93 12.23 -30.34 13.49
CA ASP B 93 10.99 -29.53 13.40
C ASP B 93 10.66 -29.34 11.93
N MET B 94 9.50 -29.85 11.50
CA MET B 94 9.11 -29.78 10.08
C MET B 94 8.01 -28.71 9.92
N SER B 95 7.75 -27.97 10.99
CA SER B 95 6.74 -26.89 11.06
C SER B 95 7.22 -25.65 10.26
N THR B 96 6.29 -24.85 9.76
CA THR B 96 6.60 -23.50 9.23
C THR B 96 6.37 -22.51 10.36
N ILE B 97 7.45 -22.08 10.99
CA ILE B 97 7.41 -21.16 12.16
C ILE B 97 8.35 -19.98 11.90
N HIS B 98 8.27 -19.01 12.78
CA HIS B 98 9.14 -17.81 12.67
C HIS B 98 10.59 -18.24 12.73
N PRO B 99 11.43 -17.83 11.77
CA PRO B 99 12.80 -18.38 11.70
C PRO B 99 13.67 -17.97 12.90
N LEU B 100 13.38 -16.83 13.54
CA LEU B 100 14.20 -16.48 14.74
C LEU B 100 13.72 -17.31 15.94
N GLN B 101 12.48 -17.78 15.95
CA GLN B 101 12.00 -18.76 16.96
C GLN B 101 12.72 -20.08 16.75
N THR B 102 12.85 -20.52 15.48
CA THR B 102 13.63 -21.73 15.15
C THR B 102 15.06 -21.58 15.74
N ASP B 103 15.71 -20.45 15.48
CA ASP B 103 17.11 -20.25 15.95
C ASP B 103 17.16 -20.39 17.47
N LYS B 104 16.21 -19.78 18.17
CA LYS B 104 16.21 -19.79 19.66
C LYS B 104 15.89 -21.22 20.15
N LEU B 105 15.01 -21.95 19.48
CA LEU B 105 14.72 -23.36 19.89
C LEU B 105 15.99 -24.20 19.74
N ILE B 106 16.68 -24.07 18.63
CA ILE B 106 17.89 -24.86 18.33
C ILE B 106 18.92 -24.51 19.42
N ALA B 107 19.09 -23.23 19.72
CA ALA B 107 20.10 -22.77 20.70
C ALA B 107 19.73 -23.28 22.10
N ASP B 108 18.45 -23.18 22.47
CA ASP B 108 17.95 -23.61 23.80
C ASP B 108 18.14 -25.11 23.94
N MET B 109 17.92 -25.87 22.88
CA MET B 109 18.14 -27.32 22.87
C MET B 109 19.64 -27.60 23.02
N GLN B 110 20.51 -26.93 22.25
CA GLN B 110 21.98 -27.15 22.27
C GLN B 110 22.49 -26.90 23.70
N ALA B 111 21.96 -25.88 24.38
CA ALA B 111 22.37 -25.50 25.76
C ALA B 111 22.10 -26.64 26.75
N LYS B 112 21.09 -27.48 26.50
CA LYS B 112 20.73 -28.67 27.31
C LYS B 112 21.41 -29.93 26.77
N GLY B 113 22.31 -29.84 25.80
CA GLY B 113 23.02 -31.01 25.22
C GLY B 113 22.24 -31.74 24.13
N PHE B 114 21.15 -31.13 23.61
CA PHE B 114 20.26 -31.79 22.61
C PHE B 114 20.45 -31.21 21.20
N SER B 115 20.26 -32.05 20.19
CA SER B 115 20.50 -31.74 18.77
CA SER B 115 20.49 -31.73 18.76
C SER B 115 19.15 -31.49 18.06
N MET B 116 19.01 -30.34 17.39
CA MET B 116 17.73 -30.00 16.71
C MET B 116 18.03 -29.39 15.36
N MET B 117 17.26 -29.75 14.35
CA MET B 117 17.36 -29.18 12.99
C MET B 117 15.96 -28.80 12.48
N ASP B 118 15.94 -27.86 11.56
CA ASP B 118 14.73 -27.38 10.87
C ASP B 118 14.61 -27.99 9.48
N VAL B 119 13.54 -28.78 9.23
CA VAL B 119 13.26 -29.32 7.89
C VAL B 119 11.78 -29.08 7.57
N PRO B 120 11.40 -27.82 7.30
CA PRO B 120 10.05 -27.53 6.82
C PRO B 120 9.87 -28.11 5.41
N VAL B 121 8.64 -28.12 4.91
CA VAL B 121 8.32 -28.79 3.64
C VAL B 121 7.53 -27.86 2.73
N GLY B 122 7.73 -28.06 1.44
CA GLY B 122 6.94 -27.48 0.35
C GLY B 122 5.98 -28.51 -0.19
N ARG B 123 5.01 -28.03 -0.95
CA ARG B 123 3.89 -28.81 -1.55
C ARG B 123 2.84 -29.09 -0.47
N THR B 124 1.76 -29.79 -0.81
CA THR B 124 0.54 -29.72 0.00
C THR B 124 0.22 -31.11 0.58
N SER B 125 -0.94 -31.23 1.21
CA SER B 125 -1.37 -32.43 1.94
C SER B 125 -1.49 -33.59 0.96
N ALA B 126 -1.84 -33.35 -0.32
CA ALA B 126 -1.93 -34.44 -1.33
C ALA B 126 -0.54 -35.05 -1.49
N ASN B 127 0.50 -34.21 -1.51
CA ASN B 127 1.91 -34.63 -1.59
C ASN B 127 2.33 -35.32 -0.28
N ALA B 128 1.85 -34.86 0.87
CA ALA B 128 2.14 -35.50 2.16
C ALA B 128 1.66 -36.96 2.09
N ILE B 129 0.47 -37.17 1.55
CA ILE B 129 -0.14 -38.54 1.43
C ILE B 129 0.77 -39.42 0.56
N THR B 130 1.21 -38.95 -0.60
CA THR B 130 1.98 -39.73 -1.57
C THR B 130 3.47 -39.78 -1.22
N GLY B 131 3.95 -39.02 -0.24
CA GLY B 131 5.38 -38.98 0.13
C GLY B 131 6.18 -38.18 -0.89
N THR B 132 5.57 -37.16 -1.50
CA THR B 132 6.22 -36.36 -2.57
C THR B 132 6.39 -34.90 -2.16
N LEU B 133 6.53 -34.64 -0.86
CA LEU B 133 6.84 -33.29 -0.32
C LEU B 133 8.23 -32.87 -0.79
N LEU B 134 8.43 -31.56 -0.85
CA LEU B 134 9.74 -30.93 -1.05
C LEU B 134 10.35 -30.73 0.35
N LEU B 135 11.52 -31.31 0.60
CA LEU B 135 12.15 -31.23 1.94
C LEU B 135 13.18 -30.09 1.90
N LEU B 136 12.97 -29.08 2.72
CA LEU B 136 13.88 -27.89 2.76
C LEU B 136 14.75 -28.03 3.99
N ALA B 137 15.87 -28.75 3.83
CA ALA B 137 16.63 -29.28 4.97
C ALA B 137 17.63 -28.24 5.48
N GLY B 138 17.29 -27.68 6.62
CA GLY B 138 18.20 -26.97 7.53
C GLY B 138 19.03 -27.95 8.31
N GLY B 139 19.90 -27.43 9.15
CA GLY B 139 20.78 -28.23 10.03
C GLY B 139 22.20 -28.31 9.47
N THR B 140 23.11 -28.83 10.30
CA THR B 140 24.51 -29.05 9.88
C THR B 140 24.57 -30.11 8.80
N ALA B 141 25.67 -30.17 8.07
CA ALA B 141 25.93 -31.23 7.07
C ALA B 141 25.71 -32.62 7.72
N GLU B 142 26.22 -32.79 8.95
CA GLU B 142 26.13 -34.06 9.70
C GLU B 142 24.65 -34.39 9.98
N GLN B 143 23.88 -33.41 10.42
CA GLN B 143 22.43 -33.59 10.76
C GLN B 143 21.66 -33.95 9.49
N VAL B 144 21.92 -33.25 8.37
CA VAL B 144 21.20 -33.54 7.10
C VAL B 144 21.53 -34.96 6.65
N GLU B 145 22.82 -35.33 6.66
CA GLU B 145 23.24 -36.71 6.26
C GLU B 145 22.48 -37.73 7.11
N ARG B 146 22.46 -37.54 8.43
CA ARG B 146 21.85 -38.48 9.41
C ARG B 146 20.34 -38.57 9.14
N ALA B 147 19.68 -37.44 8.89
CA ALA B 147 18.19 -37.40 8.77
C ALA B 147 17.74 -37.90 7.40
N THR B 148 18.58 -37.86 6.38
CA THR B 148 18.15 -38.01 4.97
C THR B 148 17.32 -39.29 4.78
N PRO B 149 17.79 -40.47 5.25
CA PRO B 149 17.02 -41.70 5.01
C PRO B 149 15.58 -41.65 5.56
N ILE B 150 15.41 -41.01 6.71
CA ILE B 150 14.11 -40.80 7.40
C ILE B 150 13.28 -39.83 6.53
N LEU B 151 13.90 -38.72 6.16
CA LEU B 151 13.19 -37.64 5.41
C LEU B 151 12.68 -38.16 4.07
N MET B 152 13.42 -39.03 3.38
CA MET B 152 13.04 -39.52 2.04
C MET B 152 11.83 -40.48 2.11
N ALA B 153 11.35 -40.86 3.30
CA ALA B 153 10.05 -41.57 3.46
C ALA B 153 8.89 -40.60 3.25
N MET B 154 9.12 -39.31 3.54
CA MET B 154 8.03 -38.31 3.55
C MET B 154 8.07 -37.39 2.32
N GLY B 155 9.23 -37.20 1.72
CA GLY B 155 9.39 -36.34 0.53
C GLY B 155 10.14 -37.03 -0.59
N SER B 156 10.04 -36.46 -1.79
CA SER B 156 10.63 -37.04 -3.04
C SER B 156 11.86 -36.23 -3.49
N GLU B 157 12.10 -35.05 -2.90
CA GLU B 157 13.17 -34.14 -3.31
C GLU B 157 13.69 -33.45 -2.05
N LEU B 158 15.00 -33.46 -1.83
CA LEU B 158 15.61 -32.83 -0.64
C LEU B 158 16.54 -31.75 -1.16
N ILE B 159 16.35 -30.54 -0.67
CA ILE B 159 17.27 -29.40 -0.92
C ILE B 159 18.01 -29.10 0.39
N ASN B 160 19.32 -29.18 0.34
CA ASN B 160 20.21 -28.85 1.47
C ASN B 160 20.32 -27.33 1.53
N ALA B 161 19.70 -26.69 2.52
CA ALA B 161 19.58 -25.22 2.59
C ALA B 161 20.90 -24.60 3.07
N GLY B 162 21.81 -25.42 3.58
CA GLY B 162 23.20 -25.01 3.91
C GLY B 162 23.42 -24.60 5.35
N GLY B 163 22.59 -24.95 6.32
CA GLY B 163 22.96 -24.76 7.73
C GLY B 163 21.77 -24.72 8.67
N PRO B 164 22.03 -24.74 10.00
CA PRO B 164 20.98 -24.58 11.00
C PRO B 164 20.16 -23.31 10.73
N GLY B 165 18.84 -23.47 10.68
CA GLY B 165 17.91 -22.35 10.50
C GLY B 165 17.78 -21.93 9.04
N MET B 166 18.53 -22.51 8.11
CA MET B 166 18.47 -22.09 6.69
C MET B 166 17.28 -22.76 5.99
N GLY B 167 16.77 -23.89 6.52
CA GLY B 167 15.58 -24.52 5.92
C GLY B 167 14.37 -23.63 6.15
N ILE B 168 14.16 -23.19 7.38
CA ILE B 168 12.99 -22.37 7.71
C ILE B 168 13.15 -21.00 6.99
N ARG B 169 14.38 -20.54 6.84
CA ARG B 169 14.59 -19.26 6.12
C ARG B 169 14.18 -19.40 4.66
N VAL B 170 14.62 -20.43 3.96
CA VAL B 170 14.31 -20.53 2.52
C VAL B 170 12.81 -20.87 2.37
N LYS B 171 12.20 -21.62 3.29
CA LYS B 171 10.73 -21.84 3.24
C LYS B 171 10.01 -20.49 3.34
N LEU B 172 10.43 -19.62 4.25
CA LEU B 172 9.78 -18.33 4.44
C LEU B 172 9.96 -17.45 3.18
N ILE B 173 11.15 -17.39 2.60
CA ILE B 173 11.41 -16.51 1.43
C ILE B 173 10.55 -17.03 0.29
N ASN B 174 10.56 -18.34 0.05
CA ASN B 174 9.75 -18.95 -1.02
C ASN B 174 8.27 -18.62 -0.82
N ASN B 175 7.72 -18.86 0.36
CA ASN B 175 6.28 -18.67 0.60
C ASN B 175 5.93 -17.18 0.56
N TYR B 176 6.77 -16.34 1.14
CA TYR B 176 6.53 -14.88 1.07
C TYR B 176 6.36 -14.50 -0.39
N MET B 177 7.35 -14.86 -1.21
CA MET B 177 7.34 -14.49 -2.63
C MET B 177 6.08 -15.06 -3.32
N SER B 178 5.79 -16.35 -3.16
CA SER B 178 4.67 -16.95 -3.91
C SER B 178 3.36 -16.36 -3.41
N ILE B 179 3.19 -16.17 -2.11
CA ILE B 179 1.90 -15.73 -1.55
C ILE B 179 1.63 -14.29 -2.03
N ALA B 180 2.62 -13.41 -1.92
CA ALA B 180 2.43 -12.01 -2.37
C ALA B 180 2.28 -11.97 -3.90
N LEU B 181 3.03 -12.79 -4.64
CA LEU B 181 2.99 -12.82 -6.13
C LEU B 181 1.59 -13.14 -6.63
N ASN B 182 0.87 -13.98 -5.89
CA ASN B 182 -0.53 -14.34 -6.26
C ASN B 182 -1.40 -13.09 -6.31
N ALA B 183 -1.28 -12.19 -5.34
CA ALA B 183 -2.10 -10.96 -5.26
C ALA B 183 -1.76 -10.05 -6.45
N LEU B 184 -0.47 -9.94 -6.80
CA LEU B 184 -0.07 -9.06 -7.92
C LEU B 184 -0.58 -9.70 -9.23
N SER B 185 -0.41 -11.00 -9.36
CA SER B 185 -0.83 -11.78 -10.56
C SER B 185 -2.33 -11.51 -10.80
N ALA B 186 -3.12 -11.55 -9.74
CA ALA B 186 -4.59 -11.26 -9.79
C ALA B 186 -4.86 -9.85 -10.34
N GLU B 187 -4.15 -8.83 -9.86
CA GLU B 187 -4.31 -7.46 -10.40
C GLU B 187 -4.08 -7.47 -11.92
N ALA B 188 -2.98 -8.06 -12.39
CA ALA B 188 -2.64 -8.04 -13.84
C ALA B 188 -3.74 -8.77 -14.62
N ALA B 189 -4.22 -9.89 -14.12
CA ALA B 189 -5.24 -10.72 -14.81
C ALA B 189 -6.58 -9.96 -14.86
N VAL B 190 -6.97 -9.28 -13.78
CA VAL B 190 -8.26 -8.55 -13.77
C VAL B 190 -8.16 -7.32 -14.64
N LEU B 191 -7.02 -6.62 -14.66
CA LEU B 191 -6.86 -5.47 -15.57
C LEU B 191 -6.97 -5.96 -17.03
N CYS B 192 -6.42 -7.14 -17.29
CA CYS B 192 -6.48 -7.80 -18.64
C CYS B 192 -7.95 -8.03 -19.02
N GLU B 193 -8.75 -8.58 -18.11
CA GLU B 193 -10.20 -8.82 -18.36
C GLU B 193 -10.91 -7.50 -18.55
N ALA B 194 -10.60 -6.47 -17.76
CA ALA B 194 -11.30 -5.17 -17.89
C ALA B 194 -10.99 -4.53 -19.26
N LEU B 195 -9.84 -4.85 -19.84
CA LEU B 195 -9.42 -4.32 -21.17
C LEU B 195 -9.95 -5.20 -22.31
N ASN B 196 -10.68 -6.26 -22.00
CA ASN B 196 -11.27 -7.18 -23.02
C ASN B 196 -10.16 -7.85 -23.83
N LEU B 197 -9.00 -8.09 -23.23
CA LEU B 197 -7.90 -8.86 -23.82
C LEU B 197 -8.00 -10.26 -23.28
N PRO B 198 -8.09 -11.30 -24.10
CA PRO B 198 -8.10 -12.68 -23.57
C PRO B 198 -6.83 -13.00 -22.80
N PHE B 199 -7.00 -13.59 -21.62
CA PHE B 199 -5.92 -13.91 -20.67
C PHE B 199 -4.82 -14.74 -21.34
N ASP B 200 -5.17 -15.75 -22.15
CA ASP B 200 -4.18 -16.65 -22.78
C ASP B 200 -3.19 -15.83 -23.65
N VAL B 201 -3.61 -14.75 -24.27
CA VAL B 201 -2.75 -13.88 -25.13
C VAL B 201 -1.73 -13.20 -24.21
N ALA B 202 -2.20 -12.64 -23.10
CA ALA B 202 -1.29 -12.02 -22.10
C ALA B 202 -0.30 -13.08 -21.57
N VAL B 203 -0.78 -14.27 -21.21
CA VAL B 203 0.13 -15.32 -20.66
C VAL B 203 1.18 -15.70 -21.71
N LYS B 204 0.80 -15.79 -22.98
CA LYS B 204 1.74 -16.12 -24.08
C LYS B 204 2.86 -15.06 -24.12
N VAL B 205 2.52 -13.78 -24.06
CA VAL B 205 3.54 -12.71 -24.06
C VAL B 205 4.39 -12.77 -22.78
N MET B 206 3.74 -12.86 -21.63
CA MET B 206 4.43 -12.83 -20.32
C MET B 206 5.36 -14.05 -20.17
N SER B 207 5.04 -15.20 -20.78
CA SER B 207 5.87 -16.42 -20.69
CA SER B 207 5.87 -16.42 -20.69
C SER B 207 7.26 -16.18 -21.31
N GLY B 208 7.41 -15.16 -22.16
CA GLY B 208 8.70 -14.83 -22.79
C GLY B 208 9.43 -13.65 -22.18
N THR B 209 8.91 -13.08 -21.08
CA THR B 209 9.51 -11.89 -20.43
C THR B 209 9.67 -12.12 -18.93
N ALA B 210 10.18 -11.13 -18.21
CA ALA B 210 10.32 -11.21 -16.75
C ALA B 210 8.93 -11.33 -16.11
N ALA B 211 7.87 -10.90 -16.78
CA ALA B 211 6.49 -10.89 -16.21
C ALA B 211 6.13 -12.32 -15.86
N GLY B 212 6.43 -13.27 -16.74
CA GLY B 212 6.09 -14.69 -16.52
C GLY B 212 7.27 -15.55 -16.09
N LYS B 213 8.51 -15.13 -16.37
CA LYS B 213 9.71 -15.92 -16.03
C LYS B 213 10.33 -15.44 -14.71
N GLY B 214 9.95 -14.27 -14.22
CA GLY B 214 10.60 -13.65 -13.05
C GLY B 214 11.86 -12.86 -13.42
N HIS B 215 12.25 -11.94 -12.54
CA HIS B 215 13.48 -11.11 -12.67
C HIS B 215 14.71 -11.86 -12.16
N PHE B 216 14.55 -12.79 -11.21
CA PHE B 216 15.69 -13.36 -10.46
C PHE B 216 16.75 -13.93 -11.43
N THR B 217 16.31 -14.56 -12.52
CA THR B 217 17.19 -15.27 -13.47
C THR B 217 17.19 -14.58 -14.85
N THR B 218 16.54 -13.43 -15.01
CA THR B 218 16.43 -12.75 -16.33
C THR B 218 17.06 -11.35 -16.26
N SER B 219 16.32 -10.38 -15.75
CA SER B 219 16.74 -8.95 -15.67
CA SER B 219 16.72 -8.94 -15.65
C SER B 219 17.96 -8.76 -14.77
N TRP B 220 18.05 -9.53 -13.68
CA TRP B 220 18.99 -9.22 -12.57
C TRP B 220 20.41 -9.73 -12.82
N PRO B 221 20.64 -10.97 -13.30
CA PRO B 221 22.00 -11.54 -13.28
C PRO B 221 23.09 -10.69 -13.95
N ASN B 222 22.82 -10.16 -15.14
CA ASN B 222 23.85 -9.42 -15.94
C ASN B 222 23.79 -7.93 -15.63
N LYS B 223 22.86 -7.46 -14.78
CA LYS B 223 22.79 -6.01 -14.43
C LYS B 223 23.11 -5.87 -12.93
N VAL B 224 22.12 -5.66 -12.07
CA VAL B 224 22.39 -5.39 -10.64
C VAL B 224 23.32 -6.45 -10.03
N LEU B 225 23.09 -7.73 -10.30
CA LEU B 225 23.82 -8.83 -9.59
C LEU B 225 25.27 -8.90 -10.12
N SER B 226 25.56 -8.25 -11.23
CA SER B 226 26.93 -8.10 -11.81
C SER B 226 27.50 -6.73 -11.47
N GLY B 227 26.80 -5.91 -10.68
CA GLY B 227 27.26 -4.54 -10.35
C GLY B 227 27.17 -3.58 -11.51
N ASP B 228 26.34 -3.89 -12.52
CA ASP B 228 26.14 -3.04 -13.71
C ASP B 228 24.72 -2.45 -13.70
N LEU B 229 24.57 -1.15 -13.40
CA LEU B 229 23.26 -0.47 -13.41
C LEU B 229 23.10 0.42 -14.64
N SER B 230 23.93 0.24 -15.67
CA SER B 230 23.68 0.92 -16.96
C SER B 230 22.34 0.42 -17.50
N PRO B 231 21.46 1.30 -18.00
CA PRO B 231 20.08 0.88 -18.27
C PRO B 231 19.82 0.04 -19.52
N ALA B 232 19.12 -1.09 -19.33
CA ALA B 232 18.38 -1.81 -20.40
C ALA B 232 16.97 -1.23 -20.43
N PHE B 233 16.36 -1.09 -19.26
CA PHE B 233 15.03 -0.45 -19.13
C PHE B 233 15.16 0.54 -17.99
N MET B 234 15.17 1.85 -18.28
CA MET B 234 15.41 2.90 -17.26
C MET B 234 14.26 2.91 -16.24
N ILE B 235 14.59 3.16 -14.99
CA ILE B 235 13.63 3.38 -13.88
C ILE B 235 12.63 4.48 -14.28
N ASP B 236 13.09 5.57 -14.89
CA ASP B 236 12.14 6.63 -15.33
C ASP B 236 11.08 6.07 -16.26
N LEU B 237 11.42 5.21 -17.22
CA LEU B 237 10.45 4.71 -18.20
C LEU B 237 9.53 3.69 -17.50
N ALA B 238 10.10 2.85 -16.64
CA ALA B 238 9.30 1.87 -15.85
C ALA B 238 8.27 2.63 -15.03
N HIS B 239 8.68 3.69 -14.35
CA HIS B 239 7.80 4.52 -13.51
C HIS B 239 6.68 5.13 -14.39
N LYS B 240 7.01 5.60 -15.58
CA LYS B 240 6.01 6.20 -16.51
C LYS B 240 4.97 5.14 -16.91
N ASP B 241 5.42 3.96 -17.35
CA ASP B 241 4.53 2.86 -17.83
C ASP B 241 3.61 2.42 -16.66
N LEU B 242 4.15 2.32 -15.44
CA LEU B 242 3.35 1.94 -14.26
C LEU B 242 2.28 2.99 -13.98
N GLY B 243 2.60 4.27 -14.13
CA GLY B 243 1.61 5.35 -14.01
C GLY B 243 0.48 5.19 -15.00
N ILE B 244 0.79 4.87 -16.25
CA ILE B 244 -0.27 4.64 -17.28
C ILE B 244 -1.14 3.46 -16.84
N ALA B 245 -0.53 2.35 -16.39
CA ALA B 245 -1.27 1.15 -15.97
C ALA B 245 -2.23 1.55 -14.86
N LEU B 246 -1.79 2.34 -13.89
CA LEU B 246 -2.65 2.72 -12.74
C LEU B 246 -3.74 3.71 -13.21
N ASP B 247 -3.44 4.58 -14.16
CA ASP B 247 -4.46 5.50 -14.73
C ASP B 247 -5.59 4.65 -15.36
N VAL B 248 -5.22 3.65 -16.13
CA VAL B 248 -6.21 2.77 -16.81
C VAL B 248 -7.01 2.00 -15.77
N ALA B 249 -6.33 1.37 -14.82
CA ALA B 249 -7.00 0.60 -13.74
C ALA B 249 -8.01 1.50 -13.00
N ASN B 250 -7.63 2.76 -12.68
CA ASN B 250 -8.51 3.67 -11.92
C ASN B 250 -9.67 4.10 -12.81
N GLN B 251 -9.46 4.22 -14.13
CA GLN B 251 -10.59 4.56 -15.05
C GLN B 251 -11.55 3.37 -15.08
N LEU B 252 -11.06 2.14 -14.99
CA LEU B 252 -11.87 0.91 -15.20
C LEU B 252 -12.30 0.29 -13.85
N HIS B 253 -12.01 0.97 -12.73
CA HIS B 253 -12.29 0.55 -11.35
C HIS B 253 -11.83 -0.88 -11.12
N VAL B 254 -10.57 -1.13 -11.48
CA VAL B 254 -9.84 -2.37 -11.10
C VAL B 254 -8.88 -1.97 -9.99
N PRO B 255 -9.18 -2.29 -8.72
CA PRO B 255 -8.28 -1.91 -7.62
C PRO B 255 -6.96 -2.68 -7.72
N MET B 256 -5.86 -1.95 -7.65
CA MET B 256 -4.49 -2.50 -7.80
C MET B 256 -3.61 -2.01 -6.66
N PRO B 257 -3.88 -2.45 -5.41
CA PRO B 257 -3.06 -1.99 -4.29
C PRO B 257 -1.56 -2.31 -4.46
N LEU B 258 -1.18 -3.49 -4.93
CA LEU B 258 0.26 -3.80 -5.06
C LEU B 258 0.87 -2.90 -6.14
N GLY B 259 0.21 -2.75 -7.29
CA GLY B 259 0.72 -1.82 -8.30
C GLY B 259 0.87 -0.39 -7.77
N ALA B 260 -0.11 0.08 -7.04
CA ALA B 260 -0.08 1.45 -6.47
C ALA B 260 1.12 1.56 -5.52
N ALA B 261 1.29 0.57 -4.62
CA ALA B 261 2.46 0.59 -3.71
C ALA B 261 3.75 0.53 -4.53
N SER B 262 3.81 -0.28 -5.59
CA SER B 262 5.05 -0.45 -6.39
C SER B 262 5.43 0.90 -7.00
N ARG B 263 4.47 1.69 -7.45
CA ARG B 263 4.83 2.97 -8.12
C ARG B 263 5.50 3.89 -7.09
N GLU B 264 5.06 3.88 -5.83
CA GLU B 264 5.69 4.77 -4.82
C GLU B 264 7.13 4.28 -4.53
N VAL B 265 7.41 2.97 -4.65
CA VAL B 265 8.82 2.47 -4.55
C VAL B 265 9.66 3.03 -5.72
N TYR B 266 9.15 2.97 -6.94
CA TYR B 266 9.86 3.56 -8.12
C TYR B 266 10.01 5.07 -7.92
N SER B 267 9.01 5.73 -7.35
CA SER B 267 9.07 7.20 -7.10
C SER B 267 10.23 7.49 -6.12
N GLN B 268 10.35 6.70 -5.04
CA GLN B 268 11.47 6.81 -4.07
C GLN B 268 12.79 6.60 -4.81
N ALA B 269 12.87 5.65 -5.72
CA ALA B 269 14.11 5.37 -6.50
C ALA B 269 14.47 6.62 -7.33
N ARG B 270 13.47 7.26 -7.94
CA ARG B 270 13.70 8.49 -8.73
C ARG B 270 14.23 9.57 -7.78
N ALA B 271 13.60 9.73 -6.63
CA ALA B 271 13.97 10.77 -5.66
C ALA B 271 15.43 10.54 -5.23
N ALA B 272 15.86 9.28 -5.17
CA ALA B 272 17.22 8.90 -4.72
C ALA B 272 18.23 9.07 -5.86
N GLY B 273 17.84 9.56 -7.03
CA GLY B 273 18.74 9.78 -8.17
C GLY B 273 18.96 8.55 -9.04
N ARG B 274 18.06 7.56 -9.02
CA ARG B 274 18.24 6.30 -9.79
C ARG B 274 17.43 6.27 -11.08
N GLY B 275 16.77 7.38 -11.47
CA GLY B 275 15.89 7.42 -12.65
C GLY B 275 16.53 6.91 -13.93
N ARG B 276 17.85 7.16 -14.14
CA ARG B 276 18.51 6.79 -15.41
C ARG B 276 19.23 5.43 -15.24
N GLN B 277 19.06 4.76 -14.10
CA GLN B 277 19.62 3.40 -13.88
C GLN B 277 18.68 2.32 -14.42
N ASP B 278 19.24 1.15 -14.66
CA ASP B 278 18.48 -0.05 -15.03
C ASP B 278 17.40 -0.32 -13.98
N TRP B 279 16.27 -0.86 -14.40
CA TRP B 279 15.19 -1.18 -13.43
C TRP B 279 15.66 -2.19 -12.38
N SER B 280 16.67 -3.02 -12.67
CA SER B 280 17.22 -3.94 -11.65
C SER B 280 17.81 -3.19 -10.47
N ALA B 281 18.05 -1.88 -10.59
CA ALA B 281 18.54 -1.05 -9.47
C ALA B 281 17.48 -0.96 -8.37
N ILE B 282 16.24 -1.34 -8.61
CA ILE B 282 15.22 -1.37 -7.52
C ILE B 282 15.72 -2.29 -6.41
N LEU B 283 16.46 -3.33 -6.73
CA LEU B 283 17.05 -4.22 -5.67
C LEU B 283 17.94 -3.40 -4.75
N GLU B 284 18.82 -2.58 -5.33
CA GLU B 284 19.71 -1.69 -4.53
C GLU B 284 18.90 -0.67 -3.74
N GLN B 285 17.84 -0.10 -4.35
CA GLN B 285 16.97 0.86 -3.64
C GLN B 285 16.37 0.20 -2.39
N VAL B 286 15.91 -1.05 -2.52
CA VAL B 286 15.27 -1.72 -1.36
C VAL B 286 16.34 -2.06 -0.32
N ARG B 287 17.52 -2.48 -0.75
CA ARG B 287 18.63 -2.77 0.19
C ARG B 287 18.96 -1.50 0.99
N VAL B 288 19.10 -0.36 0.33
CA VAL B 288 19.43 0.92 1.02
C VAL B 288 18.28 1.32 1.93
N SER B 289 17.03 1.14 1.51
CA SER B 289 15.83 1.41 2.34
CA SER B 289 15.83 1.41 2.34
C SER B 289 15.83 0.55 3.61
N ALA B 290 16.45 -0.63 3.56
CA ALA B 290 16.53 -1.59 4.67
C ALA B 290 17.77 -1.31 5.54
N GLY B 291 18.49 -0.22 5.28
CA GLY B 291 19.65 0.17 6.09
C GLY B 291 20.91 -0.59 5.71
N MET B 292 20.94 -1.30 4.59
CA MET B 292 22.11 -2.06 4.13
C MET B 292 23.03 -1.13 3.34
N THR B 293 24.31 -1.48 3.25
CA THR B 293 25.29 -0.69 2.49
C THR B 293 25.09 -0.94 0.99
N ALA B 294 25.03 0.11 0.19
CA ALA B 294 24.98 0.02 -1.29
C ALA B 294 26.13 -0.86 -1.78
N LYS B 295 25.86 -1.74 -2.74
CA LYS B 295 26.85 -2.65 -3.37
C LYS B 295 27.38 -2.03 -4.67
N VAL B 296 26.60 -1.16 -5.33
CA VAL B 296 26.97 -0.54 -6.64
C VAL B 296 27.21 0.96 -6.44
N ALA C 2 -3.41 4.43 50.75
CA ALA C 2 -3.68 3.00 50.58
C ALA C 2 -2.34 2.25 50.43
N ALA C 3 -2.36 0.94 50.63
CA ALA C 3 -1.23 0.01 50.40
C ALA C 3 -1.24 -0.41 48.93
N ILE C 4 -0.18 -0.08 48.21
CA ILE C 4 -0.10 -0.27 46.73
C ILE C 4 1.18 -1.05 46.43
N ALA C 5 1.07 -2.05 45.56
CA ALA C 5 2.23 -2.71 44.91
C ALA C 5 2.36 -2.11 43.52
N PHE C 6 3.57 -1.78 43.11
CA PHE C 6 3.86 -1.20 41.77
C PHE C 6 4.97 -2.03 41.14
N ILE C 7 4.66 -2.68 40.02
CA ILE C 7 5.61 -3.56 39.30
C ILE C 7 5.85 -2.97 37.90
N GLY C 8 7.08 -2.59 37.62
CA GLY C 8 7.44 -1.92 36.36
C GLY C 8 7.72 -0.46 36.62
N LEU C 9 8.99 -0.13 36.83
CA LEU C 9 9.41 1.23 37.26
C LEU C 9 10.25 1.90 36.18
N GLY C 10 9.73 1.87 34.93
CA GLY C 10 10.45 2.45 33.77
C GLY C 10 10.17 3.92 33.54
N GLN C 11 10.27 4.35 32.27
CA GLN C 11 10.08 5.78 31.90
C GLN C 11 8.71 6.27 32.38
N MET C 12 7.69 5.43 32.34
CA MET C 12 6.31 5.79 32.80
C MET C 12 6.13 5.33 34.24
N GLY C 13 6.51 4.09 34.55
CA GLY C 13 6.21 3.48 35.86
C GLY C 13 6.85 4.25 37.01
N SER C 14 8.10 4.67 36.85
CA SER C 14 8.83 5.34 37.95
C SER C 14 8.12 6.64 38.36
N PRO C 15 7.85 7.60 37.44
CA PRO C 15 7.12 8.80 37.82
C PRO C 15 5.68 8.56 38.31
N MET C 16 5.01 7.53 37.81
CA MET C 16 3.63 7.20 38.24
C MET C 16 3.71 6.75 39.71
N ALA C 17 4.61 5.83 40.03
CA ALA C 17 4.82 5.35 41.40
C ALA C 17 5.22 6.55 42.30
N SER C 18 6.07 7.44 41.81
CA SER C 18 6.54 8.63 42.56
C SER C 18 5.35 9.52 42.94
N ASN C 19 4.42 9.73 42.01
CA ASN C 19 3.21 10.54 42.27
C ASN C 19 2.35 9.86 43.33
N LEU C 20 2.25 8.53 43.34
CA LEU C 20 1.44 7.83 44.37
C LEU C 20 2.09 8.07 45.75
N LEU C 21 3.41 7.98 45.85
CA LEU C 21 4.14 8.27 47.11
C LEU C 21 3.84 9.70 47.57
N GLN C 22 3.88 10.66 46.65
CA GLN C 22 3.65 12.11 46.94
C GLN C 22 2.24 12.33 47.50
N GLN C 23 1.25 11.49 47.17
CA GLN C 23 -0.15 11.63 47.64
C GLN C 23 -0.37 10.78 48.90
N GLY C 24 0.69 10.21 49.47
CA GLY C 24 0.66 9.60 50.81
C GLY C 24 0.37 8.11 50.81
N HIS C 25 0.42 7.43 49.66
CA HIS C 25 0.23 5.97 49.61
C HIS C 25 1.51 5.27 50.06
N GLN C 26 1.37 4.07 50.60
CA GLN C 26 2.53 3.19 50.96
C GLN C 26 2.75 2.27 49.76
N LEU C 27 3.91 2.37 49.11
CA LEU C 27 4.22 1.52 47.92
C LEU C 27 5.28 0.49 48.26
N ARG C 28 5.00 -0.76 47.89
CA ARG C 28 5.98 -1.86 47.76
C ARG C 28 6.27 -1.96 46.26
N VAL C 29 7.53 -1.85 45.85
CA VAL C 29 7.87 -1.75 44.39
C VAL C 29 8.79 -2.89 44.00
N PHE C 30 8.65 -3.35 42.76
CA PHE C 30 9.55 -4.37 42.18
C PHE C 30 9.84 -3.99 40.71
N ASP C 31 11.09 -4.16 40.31
CA ASP C 31 11.54 -4.09 38.90
C ASP C 31 12.75 -5.01 38.78
N VAL C 32 12.92 -5.65 37.63
CA VAL C 32 14.12 -6.50 37.37
C VAL C 32 15.37 -5.62 37.35
N ASN C 33 15.23 -4.32 37.15
CA ASN C 33 16.32 -3.31 37.20
C ASN C 33 16.40 -2.78 38.63
N ALA C 34 17.43 -3.23 39.36
CA ALA C 34 17.60 -2.92 40.80
C ALA C 34 17.77 -1.40 40.99
N GLU C 35 18.39 -0.70 40.03
CA GLU C 35 18.59 0.78 40.14
C GLU C 35 17.23 1.50 40.15
N ALA C 36 16.25 1.02 39.39
CA ALA C 36 14.91 1.66 39.34
C ALA C 36 14.21 1.46 40.70
N VAL C 37 14.40 0.31 41.34
CA VAL C 37 13.89 0.08 42.72
C VAL C 37 14.56 1.10 43.66
N ARG C 38 15.88 1.23 43.61
CA ARG C 38 16.63 2.10 44.56
C ARG C 38 16.13 3.55 44.49
N HIS C 39 15.87 4.06 43.28
CA HIS C 39 15.38 5.44 43.08
C HIS C 39 14.05 5.65 43.82
N LEU C 40 13.15 4.65 43.78
CA LEU C 40 11.84 4.73 44.46
C LEU C 40 12.02 4.54 45.97
N VAL C 41 12.93 3.65 46.40
CA VAL C 41 13.18 3.46 47.85
C VAL C 41 13.65 4.78 48.46
N ASP C 42 14.50 5.53 47.73
CA ASP C 42 15.01 6.84 48.17
C ASP C 42 13.85 7.83 48.34
N LYS C 43 12.73 7.63 47.63
CA LYS C 43 11.56 8.53 47.73
C LYS C 43 10.57 8.01 48.76
N GLY C 44 10.85 6.88 49.43
CA GLY C 44 9.98 6.36 50.52
C GLY C 44 9.29 5.05 50.20
N ALA C 45 9.49 4.46 49.02
CA ALA C 45 8.93 3.12 48.71
C ALA C 45 9.66 2.06 49.55
N THR C 46 8.98 0.94 49.78
CA THR C 46 9.56 -0.31 50.32
C THR C 46 9.99 -1.17 49.14
N PRO C 47 11.23 -1.69 49.09
CA PRO C 47 11.60 -2.62 48.04
C PRO C 47 11.02 -4.01 48.32
N ALA C 48 10.66 -4.72 47.24
CA ALA C 48 10.26 -6.14 47.29
C ALA C 48 11.19 -6.94 46.39
N ALA C 49 11.44 -8.22 46.72
CA ALA C 49 12.41 -9.06 45.99
C ALA C 49 11.76 -9.64 44.72
N ASN C 50 10.43 -9.62 44.62
CA ASN C 50 9.71 -10.22 43.48
C ASN C 50 8.25 -9.76 43.52
N PRO C 51 7.46 -10.03 42.46
CA PRO C 51 6.06 -9.59 42.43
C PRO C 51 5.21 -10.14 43.60
N ALA C 52 5.37 -11.41 43.99
CA ALA C 52 4.59 -12.02 45.09
C ALA C 52 4.83 -11.23 46.39
N GLN C 53 6.09 -10.88 46.69
CA GLN C 53 6.43 -10.09 47.90
C GLN C 53 5.78 -8.71 47.78
N ALA C 54 5.85 -8.07 46.60
CA ALA C 54 5.29 -6.72 46.42
C ALA C 54 3.79 -6.76 46.70
N ALA C 55 3.10 -7.82 46.29
CA ALA C 55 1.62 -7.91 46.36
C ALA C 55 1.14 -8.22 47.79
N LYS C 56 1.97 -8.83 48.64
CA LYS C 56 1.56 -9.27 50.01
C LYS C 56 0.95 -8.09 50.79
N ASP C 57 -0.32 -8.19 51.17
CA ASP C 57 -1.09 -7.20 51.98
C ASP C 57 -1.30 -5.88 51.20
N ALA C 58 -1.16 -5.87 49.87
CA ALA C 58 -1.45 -4.65 49.07
C ALA C 58 -2.95 -4.63 48.75
N GLU C 59 -3.56 -3.46 48.72
CA GLU C 59 -4.97 -3.25 48.32
C GLU C 59 -5.06 -3.10 46.78
N PHE C 60 -4.12 -2.35 46.19
CA PHE C 60 -4.05 -2.12 44.72
C PHE C 60 -2.71 -2.66 44.22
N ILE C 61 -2.74 -3.40 43.10
CA ILE C 61 -1.49 -3.91 42.45
C ILE C 61 -1.44 -3.33 41.02
N ILE C 62 -0.46 -2.48 40.74
CA ILE C 62 -0.34 -1.79 39.42
C ILE C 62 0.83 -2.43 38.67
N THR C 63 0.60 -2.76 37.38
CA THR C 63 1.67 -3.20 36.47
C THR C 63 1.82 -2.15 35.36
N MET C 64 3.07 -1.83 35.03
CA MET C 64 3.38 -0.89 33.92
C MET C 64 4.56 -1.48 33.14
N LEU C 65 4.24 -2.37 32.19
CA LEU C 65 5.25 -3.28 31.59
C LEU C 65 5.21 -3.19 30.07
N PRO C 66 6.30 -3.55 29.37
CA PRO C 66 6.36 -3.44 27.91
C PRO C 66 5.34 -4.27 27.11
N ASN C 67 4.91 -5.44 27.56
CA ASN C 67 4.04 -6.31 26.73
C ASN C 67 3.22 -7.30 27.57
N GLY C 68 2.23 -7.92 26.95
CA GLY C 68 1.26 -8.80 27.61
C GLY C 68 1.88 -10.09 28.13
N ASP C 69 2.95 -10.57 27.50
CA ASP C 69 3.67 -11.79 27.99
C ASP C 69 4.29 -11.47 29.36
N LEU C 70 4.90 -10.29 29.51
CA LEU C 70 5.52 -9.87 30.78
C LEU C 70 4.43 -9.63 31.83
N VAL C 71 3.30 -9.03 31.47
CA VAL C 71 2.20 -8.87 32.45
C VAL C 71 1.75 -10.26 32.92
N ARG C 72 1.55 -11.20 32.00
CA ARG C 72 1.15 -12.58 32.36
C ARG C 72 2.20 -13.19 33.31
N ASN C 73 3.50 -13.08 32.97
CA ASN C 73 4.60 -13.66 33.81
C ASN C 73 4.55 -13.05 35.21
N VAL C 74 4.38 -11.73 35.30
CA VAL C 74 4.40 -11.00 36.59
C VAL C 74 3.18 -11.43 37.43
N LEU C 75 2.02 -11.71 36.82
CA LEU C 75 0.81 -12.12 37.57
C LEU C 75 0.83 -13.62 37.90
N PHE C 76 1.14 -14.48 36.93
CA PHE C 76 0.88 -15.95 37.04
C PHE C 76 2.18 -16.76 37.11
N GLY C 77 3.33 -16.15 36.85
CA GLY C 77 4.62 -16.87 36.76
C GLY C 77 5.22 -17.17 38.13
N GLU C 78 6.49 -17.60 38.12
CA GLU C 78 7.31 -17.90 39.32
C GLU C 78 7.32 -16.65 40.20
N ASN C 79 6.91 -16.79 41.47
CA ASN C 79 6.88 -15.70 42.48
C ASN C 79 6.02 -14.56 41.93
N GLY C 80 4.95 -14.90 41.23
CA GLY C 80 4.00 -13.95 40.65
C GLY C 80 3.08 -13.32 41.67
N VAL C 81 2.43 -12.25 41.26
CA VAL C 81 1.49 -11.48 42.10
C VAL C 81 0.47 -12.43 42.72
N CYS C 82 -0.03 -13.41 41.97
CA CYS C 82 -1.14 -14.29 42.44
C CYS C 82 -0.74 -14.98 43.75
N GLU C 83 0.54 -15.25 43.96
CA GLU C 83 1.03 -15.97 45.16
C GLU C 83 0.91 -15.09 46.41
N GLY C 84 0.88 -13.76 46.27
CA GLY C 84 0.78 -12.81 47.39
C GLY C 84 -0.53 -12.03 47.42
N LEU C 85 -1.50 -12.36 46.57
CA LEU C 85 -2.65 -11.48 46.27
C LEU C 85 -3.84 -11.85 47.16
N SER C 86 -4.45 -10.84 47.77
CA SER C 86 -5.73 -10.95 48.53
C SER C 86 -6.92 -10.92 47.54
N THR C 87 -7.97 -11.69 47.83
CA THR C 87 -9.22 -11.70 47.02
C THR C 87 -9.94 -10.35 47.12
N ASP C 88 -9.62 -9.50 48.10
CA ASP C 88 -10.22 -8.16 48.30
C ASP C 88 -9.42 -7.11 47.52
N ALA C 89 -8.28 -7.46 46.94
CA ALA C 89 -7.39 -6.50 46.26
C ALA C 89 -7.88 -6.26 44.83
N LEU C 90 -7.37 -5.19 44.20
CA LEU C 90 -7.71 -4.87 42.79
C LEU C 90 -6.40 -4.73 42.00
N VAL C 91 -6.24 -5.52 40.95
CA VAL C 91 -5.08 -5.43 40.02
C VAL C 91 -5.45 -4.45 38.90
N ILE C 92 -4.56 -3.50 38.64
CA ILE C 92 -4.73 -2.46 37.58
C ILE C 92 -3.56 -2.62 36.62
N ASP C 93 -3.79 -3.17 35.42
CA ASP C 93 -2.74 -3.17 34.36
C ASP C 93 -2.84 -1.85 33.59
N MET C 94 -1.78 -1.06 33.65
CA MET C 94 -1.73 0.27 32.99
C MET C 94 -0.86 0.17 31.73
N SER C 95 -0.45 -1.05 31.39
CA SER C 95 0.37 -1.36 30.18
C SER C 95 -0.45 -1.21 28.91
N THR C 96 0.22 -0.93 27.79
CA THR C 96 -0.41 -1.01 26.45
C THR C 96 -0.07 -2.37 25.87
N ILE C 97 -1.02 -3.30 25.88
CA ILE C 97 -0.83 -4.69 25.39
C ILE C 97 -1.95 -5.04 24.43
N HIS C 98 -1.86 -6.22 23.83
CA HIS C 98 -2.91 -6.73 22.92
C HIS C 98 -4.22 -6.86 23.68
N PRO C 99 -5.32 -6.28 23.16
CA PRO C 99 -6.58 -6.27 23.91
C PRO C 99 -7.15 -7.67 24.18
N LEU C 100 -6.89 -8.65 23.34
CA LEU C 100 -7.42 -10.01 23.60
C LEU C 100 -6.56 -10.68 24.68
N GLN C 101 -5.29 -10.29 24.84
CA GLN C 101 -4.45 -10.74 25.99
C GLN C 101 -5.04 -10.15 27.28
N THR C 102 -5.41 -8.87 27.26
CA THR C 102 -6.08 -8.21 28.40
C THR C 102 -7.33 -9.02 28.79
N ASP C 103 -8.17 -9.36 27.82
CA ASP C 103 -9.43 -10.09 28.12
C ASP C 103 -9.10 -11.41 28.82
N LYS C 104 -8.12 -12.14 28.30
CA LYS C 104 -7.76 -13.48 28.83
C LYS C 104 -7.15 -13.31 30.24
N LEU C 105 -6.33 -12.28 30.47
CA LEU C 105 -5.76 -12.04 31.82
C LEU C 105 -6.89 -11.78 32.82
N ILE C 106 -7.84 -10.91 32.47
CA ILE C 106 -8.97 -10.56 33.36
C ILE C 106 -9.75 -11.85 33.65
N ALA C 107 -10.04 -12.65 32.63
CA ALA C 107 -10.85 -13.88 32.80
C ALA C 107 -10.09 -14.88 33.68
N ASP C 108 -8.78 -15.05 33.43
CA ASP C 108 -7.93 -16.02 34.16
C ASP C 108 -7.84 -15.58 35.63
N MET C 109 -7.77 -14.26 35.88
CA MET C 109 -7.74 -13.72 37.26
C MET C 109 -9.08 -13.99 37.93
N GLN C 110 -10.20 -13.69 37.25
CA GLN C 110 -11.57 -13.87 37.81
C GLN C 110 -11.78 -15.34 38.21
N ALA C 111 -11.24 -16.27 37.41
CA ALA C 111 -11.36 -17.74 37.64
C ALA C 111 -10.69 -18.14 38.96
N LYS C 112 -9.65 -17.42 39.38
CA LYS C 112 -8.91 -17.64 40.66
C LYS C 112 -9.49 -16.76 41.79
N GLY C 113 -10.61 -16.06 41.56
CA GLY C 113 -11.26 -15.20 42.56
C GLY C 113 -10.64 -13.80 42.69
N PHE C 114 -9.81 -13.39 41.72
CA PHE C 114 -9.09 -12.08 41.75
C PHE C 114 -9.75 -11.10 40.77
N SER C 115 -9.72 -9.82 41.14
CA SER C 115 -10.32 -8.69 40.39
C SER C 115 -9.21 -7.94 39.63
N MET C 116 -9.37 -7.77 38.31
CA MET C 116 -8.36 -7.10 37.48
C MET C 116 -9.06 -6.18 36.48
N MET C 117 -8.51 -4.98 36.29
CA MET C 117 -9.02 -3.99 35.31
C MET C 117 -7.86 -3.48 34.45
N ASP C 118 -8.22 -3.01 33.25
CA ASP C 118 -7.29 -2.37 32.28
C ASP C 118 -7.41 -0.85 32.35
N VAL C 119 -6.35 -0.15 32.73
CA VAL C 119 -6.32 1.33 32.72
C VAL C 119 -5.01 1.77 32.07
N PRO C 120 -4.88 1.60 30.74
CA PRO C 120 -3.75 2.18 30.03
C PRO C 120 -3.85 3.71 30.03
N VAL C 121 -2.78 4.36 29.60
CA VAL C 121 -2.68 5.84 29.69
C VAL C 121 -2.28 6.42 28.35
N GLY C 122 -2.77 7.63 28.11
CA GLY C 122 -2.35 8.52 27.01
C GLY C 122 -1.44 9.60 27.55
N ARG C 123 -0.74 10.27 26.64
CA ARG C 123 0.30 11.31 26.90
C ARG C 123 1.60 10.61 27.34
N THR C 124 2.63 11.39 27.62
CA THR C 124 4.02 10.87 27.55
C THR C 124 4.67 10.95 28.93
N SER C 125 5.96 10.62 29.00
CA SER C 125 6.69 10.49 30.30
C SER C 125 6.73 11.87 30.98
N ALA C 126 6.74 12.97 30.24
CA ALA C 126 6.73 14.33 30.87
C ALA C 126 5.41 14.50 31.62
N ASN C 127 4.31 13.99 31.07
CA ASN C 127 2.98 14.00 31.74
C ASN C 127 2.97 13.01 32.93
N ALA C 128 3.66 11.88 32.81
CA ALA C 128 3.75 10.92 33.92
C ALA C 128 4.40 11.64 35.10
N ILE C 129 5.46 12.41 34.85
CA ILE C 129 6.20 13.14 35.92
C ILE C 129 5.24 14.12 36.62
N THR C 130 4.47 14.90 35.87
CA THR C 130 3.62 15.97 36.44
C THR C 130 2.27 15.41 36.92
N GLY C 131 1.95 14.14 36.68
CA GLY C 131 0.66 13.53 37.08
C GLY C 131 -0.47 14.00 36.17
N THR C 132 -0.18 14.27 34.91
CA THR C 132 -1.18 14.82 33.93
C THR C 132 -1.45 13.83 32.80
N LEU C 133 -1.29 12.53 33.04
CA LEU C 133 -1.64 11.46 32.08
C LEU C 133 -3.15 11.48 31.81
N LEU C 134 -3.52 10.97 30.64
CA LEU C 134 -4.92 10.66 30.29
C LEU C 134 -5.18 9.22 30.73
N LEU C 135 -6.14 9.00 31.60
CA LEU C 135 -6.44 7.66 32.15
C LEU C 135 -7.60 7.06 31.35
N LEU C 136 -7.34 5.95 30.67
CA LEU C 136 -8.36 5.30 29.82
C LEU C 136 -8.88 4.09 30.58
N ALA C 137 -9.91 4.33 31.41
CA ALA C 137 -10.28 3.38 32.46
C ALA C 137 -11.26 2.34 31.92
N GLY C 138 -10.74 1.14 31.72
CA GLY C 138 -11.53 -0.08 31.56
C GLY C 138 -11.98 -0.57 32.94
N GLY C 139 -12.68 -1.69 32.96
CA GLY C 139 -13.20 -2.31 34.17
C GLY C 139 -14.69 -2.01 34.36
N THR C 140 -15.30 -2.70 35.32
CA THR C 140 -16.70 -2.47 35.72
C THR C 140 -16.84 -1.07 36.31
N ALA C 141 -18.05 -0.54 36.37
CA ALA C 141 -18.35 0.75 37.04
C ALA C 141 -17.81 0.69 38.48
N GLU C 142 -17.99 -0.43 39.18
CA GLU C 142 -17.54 -0.63 40.60
C GLU C 142 -16.00 -0.50 40.66
N GLN C 143 -15.29 -1.14 39.72
CA GLN C 143 -13.79 -1.11 39.68
C GLN C 143 -13.32 0.32 39.39
N VAL C 144 -13.94 1.01 38.45
CA VAL C 144 -13.54 2.40 38.12
C VAL C 144 -13.77 3.29 39.36
N GLU C 145 -14.93 3.19 40.01
CA GLU C 145 -15.25 4.01 41.23
C GLU C 145 -14.15 3.75 42.27
N ARG C 146 -13.84 2.48 42.53
CA ARG C 146 -12.86 2.07 43.57
C ARG C 146 -11.46 2.60 43.23
N ALA C 147 -11.05 2.53 41.96
CA ALA C 147 -9.67 2.86 41.54
C ALA C 147 -9.49 4.38 41.41
N THR C 148 -10.56 5.15 41.24
CA THR C 148 -10.47 6.55 40.77
C THR C 148 -9.54 7.37 41.67
N PRO C 149 -9.68 7.33 43.02
CA PRO C 149 -8.84 8.17 43.88
C PRO C 149 -7.34 7.89 43.68
N ILE C 150 -6.97 6.62 43.49
CA ILE C 150 -5.59 6.15 43.20
C ILE C 150 -5.17 6.72 41.83
N LEU C 151 -6.01 6.52 40.82
CA LEU C 151 -5.69 6.88 39.41
C LEU C 151 -5.46 8.39 39.31
N MET C 152 -6.23 9.22 40.04
CA MET C 152 -6.13 10.70 39.94
C MET C 152 -4.83 11.23 40.55
N ALA C 153 -4.03 10.39 41.23
CA ALA C 153 -2.65 10.76 41.63
C ALA C 153 -1.71 10.75 40.41
N MET C 154 -2.04 9.94 39.39
CA MET C 154 -1.12 9.69 38.24
C MET C 154 -1.59 10.44 36.99
N GLY C 155 -2.89 10.74 36.88
CA GLY C 155 -3.42 11.46 35.72
C GLY C 155 -4.34 12.60 36.11
N SER C 156 -4.63 13.48 35.15
CA SER C 156 -5.42 14.71 35.34
C SER C 156 -6.82 14.56 34.71
N GLU C 157 -7.03 13.52 33.89
CA GLU C 157 -8.33 13.33 33.19
C GLU C 157 -8.60 11.84 33.11
N LEU C 158 -9.77 11.41 33.56
CA LEU C 158 -10.17 10.00 33.52
C LEU C 158 -11.33 9.87 32.56
N ILE C 159 -11.20 8.98 31.58
CA ILE C 159 -12.30 8.62 30.66
C ILE C 159 -12.76 7.22 31.00
N ASN C 160 -14.03 7.10 31.34
CA ASN C 160 -14.67 5.80 31.64
C ASN C 160 -14.96 5.13 30.31
N ALA C 161 -14.19 4.10 29.95
CA ALA C 161 -14.26 3.48 28.59
C ALA C 161 -15.47 2.55 28.52
N GLY C 162 -16.11 2.26 29.66
CA GLY C 162 -17.43 1.60 29.69
C GLY C 162 -17.38 0.07 29.86
N GLY C 163 -16.29 -0.53 30.32
CA GLY C 163 -16.33 -1.94 30.70
C GLY C 163 -14.97 -2.62 30.72
N PRO C 164 -14.89 -3.85 31.27
CA PRO C 164 -13.69 -4.67 31.22
C PRO C 164 -13.15 -4.76 29.78
N GLY C 165 -11.86 -4.43 29.61
CA GLY C 165 -11.17 -4.52 28.31
C GLY C 165 -11.46 -3.36 27.38
N MET C 166 -12.31 -2.40 27.77
CA MET C 166 -12.64 -1.25 26.91
C MET C 166 -11.57 -0.17 26.98
N GLY C 167 -10.80 -0.12 28.09
CA GLY C 167 -9.70 0.86 28.21
C GLY C 167 -8.61 0.51 27.21
N ILE C 168 -8.19 -0.74 27.18
CA ILE C 168 -7.10 -1.14 26.25
C ILE C 168 -7.63 -1.03 24.80
N ARG C 169 -8.91 -1.28 24.57
CA ARG C 169 -9.48 -1.16 23.20
C ARG C 169 -9.41 0.30 22.76
N VAL C 170 -9.82 1.25 23.58
CA VAL C 170 -9.84 2.66 23.13
C VAL C 170 -8.40 3.19 23.06
N LYS C 171 -7.48 2.71 23.89
CA LYS C 171 -6.05 3.09 23.76
C LYS C 171 -5.55 2.62 22.38
N LEU C 172 -5.89 1.39 22.00
CA LEU C 172 -5.39 0.84 20.72
C LEU C 172 -5.99 1.67 19.55
N ILE C 173 -7.28 1.95 19.56
CA ILE C 173 -7.94 2.72 18.44
C ILE C 173 -7.28 4.09 18.36
N ASN C 174 -7.14 4.78 19.49
CA ASN C 174 -6.54 6.14 19.53
C ASN C 174 -5.12 6.08 18.97
N ASN C 175 -4.28 5.16 19.45
CA ASN C 175 -2.87 5.10 19.02
C ASN C 175 -2.77 4.65 17.55
N TYR C 176 -3.59 3.71 17.15
CA TYR C 176 -3.59 3.28 15.72
C TYR C 176 -3.83 4.52 14.87
N MET C 177 -4.92 5.23 15.16
CA MET C 177 -5.28 6.43 14.37
C MET C 177 -4.14 7.45 14.40
N SER C 178 -3.59 7.80 15.56
CA SER C 178 -2.63 8.90 15.63
C SER C 178 -1.33 8.44 14.96
N ILE C 179 -0.92 7.19 15.14
CA ILE C 179 0.39 6.74 14.62
C ILE C 179 0.30 6.74 13.08
N ALA C 180 -0.77 6.17 12.52
CA ALA C 180 -0.91 6.10 11.04
C ALA C 180 -1.13 7.52 10.50
N LEU C 181 -1.92 8.35 11.19
CA LEU C 181 -2.22 9.74 10.75
C LEU C 181 -0.91 10.54 10.59
N ASN C 182 0.08 10.28 11.43
CA ASN C 182 1.39 10.96 11.34
C ASN C 182 2.03 10.73 9.96
N ALA C 183 2.01 9.49 9.47
CA ALA C 183 2.62 9.13 8.16
C ALA C 183 1.86 9.87 7.06
N LEU C 184 0.52 9.93 7.14
CA LEU C 184 -0.28 10.61 6.10
C LEU C 184 0.02 12.10 6.15
N SER C 185 0.03 12.65 7.34
CA SER C 185 0.32 14.09 7.58
C SER C 185 1.65 14.45 6.91
N ALA C 186 2.67 13.62 7.10
CA ALA C 186 4.00 13.81 6.47
C ALA C 186 3.92 13.86 4.94
N GLU C 187 3.16 12.96 4.31
CA GLU C 187 2.98 12.98 2.85
C GLU C 187 2.39 14.35 2.43
N ALA C 188 1.34 14.81 3.09
CA ALA C 188 0.66 16.08 2.73
C ALA C 188 1.66 17.25 2.88
N ALA C 189 2.43 17.25 3.98
CA ALA C 189 3.39 18.34 4.28
C ALA C 189 4.54 18.35 3.28
N VAL C 190 5.04 17.19 2.88
CA VAL C 190 6.17 17.13 1.95
C VAL C 190 5.69 17.48 0.53
N LEU C 191 4.48 17.05 0.14
CA LEU C 191 3.93 17.46 -1.16
C LEU C 191 3.79 19.00 -1.18
N CYS C 192 3.36 19.56 -0.07
CA CYS C 192 3.21 21.03 0.13
C CYS C 192 4.56 21.70 -0.13
N GLU C 193 5.63 21.22 0.52
CA GLU C 193 6.98 21.76 0.32
C GLU C 193 7.43 21.60 -1.11
N ALA C 194 7.20 20.45 -1.75
CA ALA C 194 7.66 20.19 -3.11
C ALA C 194 6.98 21.17 -4.09
N LEU C 195 5.76 21.59 -3.77
CA LEU C 195 4.99 22.56 -4.63
C LEU C 195 5.39 24.01 -4.29
N ASN C 196 6.29 24.23 -3.33
CA ASN C 196 6.74 25.60 -2.93
C ASN C 196 5.56 26.38 -2.35
N LEU C 197 4.62 25.72 -1.69
CA LEU C 197 3.55 26.38 -0.90
C LEU C 197 4.01 26.43 0.54
N PRO C 198 4.06 27.61 1.18
CA PRO C 198 4.37 27.69 2.61
C PRO C 198 3.40 26.87 3.47
N PHE C 199 3.95 26.06 4.36
CA PHE C 199 3.20 25.12 5.22
C PHE C 199 2.15 25.85 6.05
N ASP C 200 2.46 27.04 6.57
CA ASP C 200 1.54 27.82 7.42
C ASP C 200 0.22 28.13 6.66
N VAL C 201 0.32 28.37 5.35
CA VAL C 201 -0.88 28.69 4.50
C VAL C 201 -1.75 27.43 4.44
N ALA C 202 -1.12 26.28 4.17
CA ALA C 202 -1.84 24.99 4.17
C ALA C 202 -2.49 24.73 5.53
N VAL C 203 -1.77 24.92 6.63
CA VAL C 203 -2.34 24.62 7.98
C VAL C 203 -3.53 25.54 8.25
N LYS C 204 -3.43 26.81 7.83
CA LYS C 204 -4.55 27.78 8.02
C LYS C 204 -5.79 27.26 7.30
N VAL C 205 -5.66 26.82 6.05
CA VAL C 205 -6.84 26.29 5.29
C VAL C 205 -7.32 24.99 5.95
N MET C 206 -6.41 24.04 6.23
CA MET C 206 -6.82 22.71 6.75
C MET C 206 -7.47 22.84 8.14
N SER C 207 -7.12 23.87 8.92
CA SER C 207 -7.71 24.08 10.26
CA SER C 207 -7.71 24.07 10.26
C SER C 207 -9.23 24.33 10.17
N GLY C 208 -9.72 24.74 8.99
CA GLY C 208 -11.16 25.00 8.78
C GLY C 208 -11.91 23.90 8.05
N THR C 209 -11.26 22.76 7.75
CA THR C 209 -11.89 21.65 6.99
C THR C 209 -11.66 20.32 7.73
N ALA C 210 -12.17 19.22 7.17
CA ALA C 210 -11.97 17.88 7.74
C ALA C 210 -10.48 17.55 7.70
N ALA C 211 -9.68 18.17 6.85
CA ALA C 211 -8.23 17.87 6.72
C ALA C 211 -7.58 18.07 8.09
N GLY C 212 -7.89 19.20 8.73
CA GLY C 212 -7.30 19.56 10.04
C GLY C 212 -8.19 19.27 11.22
N LYS C 213 -9.52 19.15 11.02
CA LYS C 213 -10.48 18.90 12.13
C LYS C 213 -10.85 17.42 12.24
N GLY C 214 -10.53 16.60 11.23
CA GLY C 214 -10.99 15.22 11.13
C GLY C 214 -12.42 15.09 10.62
N HIS C 215 -12.77 13.88 10.17
CA HIS C 215 -14.10 13.51 9.63
C HIS C 215 -15.05 13.11 10.76
N PHE C 216 -14.54 12.55 11.86
CA PHE C 216 -15.36 11.88 12.90
C PHE C 216 -16.49 12.80 13.37
N THR C 217 -16.22 14.10 13.51
CA THR C 217 -17.22 15.07 14.06
C THR C 217 -17.63 16.11 13.00
N THR C 218 -17.22 15.96 11.74
CA THR C 218 -17.54 16.97 10.68
C THR C 218 -18.36 16.32 9.55
N SER C 219 -17.70 15.62 8.63
CA SER C 219 -18.28 14.93 7.45
C SER C 219 -19.26 13.83 7.87
N TRP C 220 -18.94 13.07 8.92
CA TRP C 220 -19.60 11.76 9.20
C TRP C 220 -20.94 11.89 9.92
N PRO C 221 -21.09 12.72 10.98
CA PRO C 221 -22.29 12.65 11.83
C PRO C 221 -23.65 12.72 11.11
N ASN C 222 -23.80 13.65 10.18
CA ASN C 222 -25.10 13.94 9.51
C ASN C 222 -25.21 13.10 8.23
N LYS C 223 -24.18 12.37 7.84
CA LYS C 223 -24.23 11.54 6.61
C LYS C 223 -24.19 10.06 7.01
N VAL C 224 -23.06 9.39 6.81
CA VAL C 224 -22.99 7.92 7.05
C VAL C 224 -23.50 7.57 8.46
N LEU C 225 -23.14 8.33 9.50
CA LEU C 225 -23.47 7.93 10.90
C LEU C 225 -24.97 8.12 11.16
N SER C 226 -25.66 8.85 10.30
CA SER C 226 -27.14 9.05 10.32
C SER C 226 -27.81 8.15 9.29
N GLY C 227 -27.07 7.25 8.62
CA GLY C 227 -27.63 6.36 7.59
C GLY C 227 -27.96 7.08 6.30
N ASP C 228 -27.40 8.26 6.07
CA ASP C 228 -27.69 9.11 4.89
C ASP C 228 -26.44 9.22 4.00
N LEU C 229 -26.42 8.57 2.85
CA LEU C 229 -25.26 8.61 1.92
C LEU C 229 -25.54 9.49 0.71
N SER C 230 -26.60 10.31 0.76
CA SER C 230 -26.82 11.33 -0.29
C SER C 230 -25.61 12.27 -0.29
N PRO C 231 -25.05 12.63 -1.46
CA PRO C 231 -23.75 13.29 -1.49
C PRO C 231 -23.68 14.76 -1.10
N ALA C 232 -22.76 15.10 -0.20
CA ALA C 232 -22.19 16.47 -0.10
C ALA C 232 -20.95 16.55 -0.99
N PHE C 233 -20.07 15.56 -0.88
CA PHE C 233 -18.84 15.49 -1.71
C PHE C 233 -18.79 14.07 -2.28
N MET C 234 -19.04 13.91 -3.58
CA MET C 234 -19.22 12.58 -4.19
C MET C 234 -17.88 11.82 -4.17
N ILE C 235 -17.98 10.52 -3.97
CA ILE C 235 -16.82 9.59 -4.07
C ILE C 235 -16.12 9.76 -5.42
N ASP C 236 -16.86 9.90 -6.52
CA ASP C 236 -16.22 10.10 -7.84
C ASP C 236 -15.31 11.33 -7.81
N LEU C 237 -15.73 12.45 -7.21
CA LEU C 237 -14.90 13.67 -7.24
C LEU C 237 -13.70 13.49 -6.30
N ALA C 238 -13.91 12.86 -5.14
CA ALA C 238 -12.81 12.58 -4.18
C ALA C 238 -11.75 11.72 -4.89
N HIS C 239 -12.18 10.67 -5.59
CA HIS C 239 -11.28 9.76 -6.34
C HIS C 239 -10.52 10.56 -7.39
N LYS C 240 -11.20 11.46 -8.13
CA LYS C 240 -10.53 12.26 -9.19
C LYS C 240 -9.44 13.16 -8.56
N ASP C 241 -9.77 13.86 -7.49
CA ASP C 241 -8.85 14.83 -6.85
C ASP C 241 -7.64 14.06 -6.27
N LEU C 242 -7.86 12.89 -5.72
CA LEU C 242 -6.76 12.04 -5.18
C LEU C 242 -5.86 11.59 -6.33
N GLY C 243 -6.41 11.27 -7.50
CA GLY C 243 -5.65 11.00 -8.73
C GLY C 243 -4.74 12.17 -9.11
N ILE C 244 -5.25 13.40 -9.09
CA ILE C 244 -4.43 14.59 -9.37
C ILE C 244 -3.31 14.69 -8.33
N ALA C 245 -3.60 14.52 -7.06
CA ALA C 245 -2.58 14.62 -5.99
C ALA C 245 -1.47 13.59 -6.28
N LEU C 246 -1.84 12.36 -6.65
CA LEU C 246 -0.82 11.30 -6.91
C LEU C 246 -0.06 11.60 -8.20
N ASP C 247 -0.72 12.18 -9.23
CA ASP C 247 -0.02 12.59 -10.46
C ASP C 247 1.06 13.62 -10.09
N VAL C 248 0.70 14.63 -9.30
CA VAL C 248 1.65 15.70 -8.89
C VAL C 248 2.80 15.08 -8.08
N ALA C 249 2.47 14.30 -7.08
CA ALA C 249 3.49 13.64 -6.22
C ALA C 249 4.46 12.85 -7.08
N ASN C 250 3.96 12.07 -8.05
CA ASN C 250 4.83 11.22 -8.90
C ASN C 250 5.65 12.08 -9.83
N GLN C 251 5.11 13.22 -10.28
CA GLN C 251 5.93 14.12 -11.12
C GLN C 251 7.04 14.73 -10.26
N LEU C 252 6.79 14.98 -8.98
CA LEU C 252 7.74 15.71 -8.08
C LEU C 252 8.57 14.72 -7.22
N HIS C 253 8.46 13.41 -7.49
CA HIS C 253 9.07 12.32 -6.67
C HIS C 253 8.91 12.55 -5.16
N VAL C 254 7.68 12.79 -4.74
CA VAL C 254 7.26 12.75 -3.33
C VAL C 254 6.55 11.42 -3.12
N PRO C 255 7.19 10.43 -2.47
CA PRO C 255 6.54 9.14 -2.26
C PRO C 255 5.32 9.27 -1.34
N MET C 256 4.18 8.75 -1.78
CA MET C 256 2.93 8.87 -0.99
C MET C 256 2.26 7.51 -0.91
N PRO C 257 2.85 6.54 -0.17
CA PRO C 257 2.25 5.22 -0.08
C PRO C 257 0.84 5.24 0.52
N LEU C 258 0.58 6.03 1.57
CA LEU C 258 -0.79 6.03 2.14
C LEU C 258 -1.77 6.62 1.12
N GLY C 259 -1.41 7.71 0.45
CA GLY C 259 -2.28 8.27 -0.61
C GLY C 259 -2.55 7.24 -1.70
N ALA C 260 -1.53 6.56 -2.17
CA ALA C 260 -1.66 5.54 -3.23
C ALA C 260 -2.59 4.44 -2.76
N ALA C 261 -2.40 3.94 -1.54
CA ALA C 261 -3.29 2.90 -0.99
C ALA C 261 -4.71 3.46 -0.91
N SER C 262 -4.89 4.69 -0.47
CA SER C 262 -6.23 5.30 -0.27
C SER C 262 -6.97 5.33 -1.61
N ARG C 263 -6.27 5.64 -2.70
CA ARG C 263 -6.98 5.75 -4.00
C ARG C 263 -7.53 4.38 -4.39
N GLU C 264 -6.82 3.28 -4.10
CA GLU C 264 -7.33 1.94 -4.47
C GLU C 264 -8.55 1.61 -3.60
N VAL C 265 -8.64 2.13 -2.35
CA VAL C 265 -9.89 1.98 -1.55
C VAL C 265 -11.05 2.75 -2.22
N TYR C 266 -10.84 3.97 -2.65
CA TYR C 266 -11.90 4.73 -3.37
C TYR C 266 -12.26 4.01 -4.68
N SER C 267 -11.27 3.42 -5.36
CA SER C 267 -11.51 2.65 -6.60
C SER C 267 -12.42 1.46 -6.29
N GLN C 268 -12.18 0.72 -5.22
CA GLN C 268 -13.05 -0.38 -4.76
C GLN C 268 -14.47 0.16 -4.50
N ALA C 269 -14.59 1.31 -3.87
CA ALA C 269 -15.90 1.92 -3.59
C ALA C 269 -16.63 2.19 -4.92
N ARG C 270 -15.91 2.73 -5.91
CA ARG C 270 -16.51 3.00 -7.24
C ARG C 270 -16.96 1.69 -7.88
N ALA C 271 -16.15 0.64 -7.80
CA ALA C 271 -16.47 -0.66 -8.40
C ALA C 271 -17.74 -1.22 -7.74
N ALA C 272 -17.94 -0.93 -6.45
CA ALA C 272 -19.10 -1.42 -5.67
C ALA C 272 -20.35 -0.54 -5.96
N GLY C 273 -20.26 0.44 -6.87
CA GLY C 273 -21.39 1.30 -7.25
C GLY C 273 -21.59 2.51 -6.32
N ARG C 274 -20.56 2.94 -5.59
CA ARG C 274 -20.72 4.04 -4.60
C ARG C 274 -20.26 5.42 -5.14
N GLY C 275 -19.97 5.54 -6.43
CA GLY C 275 -19.36 6.75 -7.03
C GLY C 275 -20.16 8.01 -6.77
N ARG C 276 -21.49 7.92 -6.73
CA ARG C 276 -22.37 9.12 -6.58
C ARG C 276 -22.83 9.20 -5.12
N GLN C 277 -22.29 8.39 -4.20
CA GLN C 277 -22.57 8.53 -2.74
C GLN C 277 -21.63 9.56 -2.09
N ASP C 278 -22.04 10.04 -0.92
CA ASP C 278 -21.20 10.95 -0.11
C ASP C 278 -19.87 10.25 0.20
N TRP C 279 -18.81 11.01 0.31
CA TRP C 279 -17.48 10.42 0.64
C TRP C 279 -17.52 9.70 1.98
N SER C 280 -18.41 10.06 2.91
CA SER C 280 -18.54 9.35 4.20
C SER C 280 -18.97 7.91 3.98
N ALA C 281 -19.44 7.53 2.80
CA ALA C 281 -19.80 6.12 2.48
C ALA C 281 -18.55 5.24 2.50
N ILE C 282 -17.35 5.80 2.45
CA ILE C 282 -16.11 4.98 2.55
C ILE C 282 -16.16 4.18 3.86
N LEU C 283 -16.76 4.71 4.92
CA LEU C 283 -16.90 3.94 6.18
C LEU C 283 -17.69 2.65 5.91
N GLU C 284 -18.82 2.75 5.21
CA GLU C 284 -19.66 1.57 4.84
C GLU C 284 -18.87 0.63 3.95
N GLN C 285 -18.09 1.16 2.99
CA GLN C 285 -17.24 0.31 2.13
C GLN C 285 -16.27 -0.52 2.99
N VAL C 286 -15.67 0.10 3.99
CA VAL C 286 -14.66 -0.59 4.84
C VAL C 286 -15.37 -1.61 5.71
N ARG C 287 -16.55 -1.28 6.24
CA ARG C 287 -17.36 -2.23 7.04
C ARG C 287 -17.69 -3.46 6.19
N VAL C 288 -18.18 -3.28 4.96
CA VAL C 288 -18.52 -4.40 4.04
C VAL C 288 -17.24 -5.20 3.73
N SER C 289 -16.11 -4.53 3.50
CA SER C 289 -14.82 -5.21 3.20
C SER C 289 -14.37 -6.06 4.40
N ALA C 290 -14.81 -5.70 5.61
CA ALA C 290 -14.49 -6.42 6.86
C ALA C 290 -15.51 -7.51 7.15
N GLY C 291 -16.42 -7.78 6.24
CA GLY C 291 -17.43 -8.83 6.39
C GLY C 291 -18.58 -8.44 7.30
N MET C 292 -18.74 -7.16 7.62
CA MET C 292 -19.89 -6.68 8.44
C MET C 292 -21.12 -6.47 7.55
N THR C 293 -22.31 -6.55 8.15
CA THR C 293 -23.61 -6.34 7.46
C THR C 293 -23.75 -4.85 7.13
N ALA C 294 -24.04 -4.52 5.87
CA ALA C 294 -24.23 -3.13 5.42
C ALA C 294 -25.34 -2.48 6.27
N LYS C 295 -25.10 -1.25 6.74
CA LYS C 295 -26.08 -0.38 7.43
C LYS C 295 -26.63 0.55 6.35
N ALA D 2 8.86 -1.77 -50.38
CA ALA D 2 7.63 -1.00 -50.30
C ALA D 2 7.96 0.48 -50.07
N ALA D 3 7.01 1.36 -50.37
CA ALA D 3 7.05 2.81 -50.08
C ALA D 3 6.54 3.04 -48.66
N ILE D 4 7.40 3.58 -47.81
CA ILE D 4 7.12 3.72 -46.36
C ILE D 4 7.38 5.17 -45.98
N ALA D 5 6.46 5.77 -45.21
CA ALA D 5 6.69 7.02 -44.46
C ALA D 5 7.05 6.66 -43.02
N PHE D 6 8.07 7.28 -42.45
CA PHE D 6 8.48 7.03 -41.05
C PHE D 6 8.53 8.39 -40.33
N ILE D 7 7.70 8.54 -39.31
CA ILE D 7 7.57 9.83 -38.57
C ILE D 7 7.95 9.55 -37.13
N GLY D 8 8.99 10.19 -36.65
CA GLY D 8 9.57 9.95 -35.32
C GLY D 8 10.87 9.18 -35.43
N LEU D 9 11.99 9.88 -35.46
CA LEU D 9 13.33 9.29 -35.74
C LEU D 9 14.21 9.39 -34.51
N GLY D 10 13.70 8.99 -33.34
CA GLY D 10 14.41 9.06 -32.06
C GLY D 10 15.28 7.85 -31.76
N GLN D 11 15.52 7.59 -30.48
CA GLN D 11 16.37 6.49 -29.99
C GLN D 11 15.82 5.15 -30.53
N MET D 12 14.50 4.99 -30.65
CA MET D 12 13.89 3.76 -31.22
C MET D 12 13.65 3.98 -32.72
N GLY D 13 13.05 5.11 -33.10
CA GLY D 13 12.57 5.32 -34.48
C GLY D 13 13.71 5.29 -35.48
N SER D 14 14.83 5.93 -35.15
CA SER D 14 15.98 6.02 -36.10
C SER D 14 16.50 4.63 -36.45
N PRO D 15 16.86 3.75 -35.50
CA PRO D 15 17.31 2.39 -35.87
C PRO D 15 16.24 1.54 -36.55
N MET D 16 14.96 1.73 -36.22
CA MET D 16 13.86 0.98 -36.87
C MET D 16 13.81 1.40 -38.34
N ALA D 17 13.82 2.69 -38.63
CA ALA D 17 13.80 3.22 -40.01
C ALA D 17 15.06 2.75 -40.74
N SER D 18 16.20 2.73 -40.06
CA SER D 18 17.50 2.30 -40.64
C SER D 18 17.39 0.82 -41.09
N ASN D 19 16.79 -0.03 -40.26
CA ASN D 19 16.58 -1.45 -40.60
C ASN D 19 15.69 -1.57 -41.84
N LEU D 20 14.64 -0.75 -41.96
CA LEU D 20 13.74 -0.80 -43.14
C LEU D 20 14.55 -0.44 -44.41
N LEU D 21 15.39 0.58 -44.32
CA LEU D 21 16.26 0.96 -45.48
C LEU D 21 17.17 -0.21 -45.87
N GLN D 22 17.75 -0.89 -44.91
CA GLN D 22 18.68 -2.04 -45.13
C GLN D 22 17.95 -3.17 -45.86
N GLN D 23 16.62 -3.33 -45.72
CA GLN D 23 15.84 -4.40 -46.37
C GLN D 23 15.30 -3.92 -47.73
N GLY D 24 15.68 -2.73 -48.18
CA GLY D 24 15.39 -2.27 -49.55
C GLY D 24 14.12 -1.48 -49.70
N HIS D 25 13.50 -1.03 -48.59
CA HIS D 25 12.31 -0.17 -48.67
C HIS D 25 12.75 1.26 -49.04
N GLN D 26 11.86 2.00 -49.67
CA GLN D 26 12.05 3.44 -49.96
C GLN D 26 11.34 4.18 -48.83
N LEU D 27 12.10 4.98 -48.06
CA LEU D 27 11.54 5.74 -46.93
C LEU D 27 11.50 7.22 -47.24
N ARG D 28 10.35 7.84 -46.97
CA ARG D 28 10.19 9.32 -46.82
C ARG D 28 10.10 9.53 -45.30
N VAL D 29 10.97 10.35 -44.72
CA VAL D 29 11.05 10.44 -43.23
C VAL D 29 10.77 11.88 -42.79
N PHE D 30 10.24 12.03 -41.57
CA PHE D 30 9.99 13.36 -40.97
C PHE D 30 10.26 13.24 -39.47
N ASP D 31 10.89 14.27 -38.92
CA ASP D 31 11.06 14.49 -37.48
C ASP D 31 11.18 16.01 -37.31
N VAL D 32 10.69 16.57 -36.20
CA VAL D 32 10.84 18.04 -35.92
C VAL D 32 12.34 18.37 -35.75
N ASN D 33 13.17 17.38 -35.42
CA ASN D 33 14.64 17.52 -35.29
C ASN D 33 15.29 17.29 -36.65
N ALA D 34 15.77 18.36 -37.28
CA ALA D 34 16.35 18.33 -38.64
C ALA D 34 17.56 17.41 -38.68
N GLU D 35 18.33 17.32 -37.59
CA GLU D 35 19.55 16.47 -37.53
C GLU D 35 19.14 15.00 -37.65
N ALA D 36 18.03 14.60 -37.04
CA ALA D 36 17.58 13.19 -37.08
C ALA D 36 17.16 12.85 -38.52
N VAL D 37 16.53 13.78 -39.23
CA VAL D 37 16.18 13.61 -40.66
C VAL D 37 17.50 13.42 -41.45
N ARG D 38 18.49 14.29 -41.25
CA ARG D 38 19.72 14.28 -42.08
C ARG D 38 20.44 12.94 -41.89
N HIS D 39 20.49 12.40 -40.68
CA HIS D 39 21.15 11.10 -40.42
C HIS D 39 20.44 9.99 -41.20
N LEU D 40 19.11 10.01 -41.34
CA LEU D 40 18.37 8.98 -42.14
C LEU D 40 18.57 9.28 -43.63
N VAL D 41 18.61 10.55 -44.05
CA VAL D 41 18.87 10.87 -45.49
C VAL D 41 20.25 10.29 -45.88
N ASP D 42 21.23 10.39 -45.01
CA ASP D 42 22.61 9.87 -45.24
C ASP D 42 22.56 8.34 -45.39
N LYS D 43 21.54 7.68 -44.82
CA LYS D 43 21.40 6.21 -44.92
C LYS D 43 20.52 5.86 -46.11
N GLY D 44 19.99 6.82 -46.86
CA GLY D 44 19.23 6.55 -48.10
C GLY D 44 17.77 6.95 -48.04
N ALA D 45 17.27 7.55 -46.96
CA ALA D 45 15.90 8.09 -46.92
C ALA D 45 15.79 9.36 -47.78
N THR D 46 14.58 9.70 -48.16
CA THR D 46 14.16 11.01 -48.74
C THR D 46 13.55 11.85 -47.62
N PRO D 47 13.97 13.12 -47.43
CA PRO D 47 13.39 13.97 -46.40
C PRO D 47 12.03 14.51 -46.82
N ALA D 48 11.14 14.69 -45.84
CA ALA D 48 9.86 15.40 -46.01
C ALA D 48 9.82 16.58 -45.05
N ALA D 49 9.12 17.64 -45.45
CA ALA D 49 8.99 18.90 -44.67
C ALA D 49 7.95 18.72 -43.57
N ASN D 50 7.07 17.72 -43.66
CA ASN D 50 5.97 17.55 -42.68
C ASN D 50 5.36 16.16 -42.89
N PRO D 51 4.49 15.72 -41.96
CA PRO D 51 3.89 14.39 -42.06
C PRO D 51 3.07 14.18 -43.36
N ALA D 52 2.31 15.18 -43.81
CA ALA D 52 1.48 15.06 -45.04
C ALA D 52 2.39 14.74 -46.23
N GLN D 53 3.53 15.43 -46.38
CA GLN D 53 4.49 15.19 -47.49
C GLN D 53 5.05 13.76 -47.34
N ALA D 54 5.41 13.36 -46.13
CA ALA D 54 5.98 12.01 -45.88
C ALA D 54 4.97 10.94 -46.35
N ALA D 55 3.69 11.14 -46.10
CA ALA D 55 2.61 10.15 -46.34
C ALA D 55 2.25 10.06 -47.83
N LYS D 56 2.49 11.10 -48.63
CA LYS D 56 2.06 11.15 -50.07
C LYS D 56 2.65 9.94 -50.80
N ASP D 57 1.80 9.07 -51.35
CA ASP D 57 2.15 7.87 -52.16
C ASP D 57 2.88 6.82 -51.32
N ALA D 58 2.81 6.88 -49.98
CA ALA D 58 3.38 5.82 -49.12
C ALA D 58 2.32 4.73 -48.97
N GLU D 59 2.76 3.47 -48.92
CA GLU D 59 1.85 2.32 -48.70
C GLU D 59 1.67 2.09 -47.18
N PHE D 60 2.77 2.23 -46.43
CA PHE D 60 2.80 2.08 -44.95
C PHE D 60 3.27 3.40 -44.37
N ILE D 61 2.59 3.89 -43.32
CA ILE D 61 3.01 5.10 -42.57
C ILE D 61 3.28 4.66 -41.12
N ILE D 62 4.51 4.76 -40.66
CA ILE D 62 4.92 4.31 -39.30
C ILE D 62 5.11 5.55 -38.44
N THR D 63 4.49 5.58 -37.26
CA THR D 63 4.76 6.63 -36.24
C THR D 63 5.45 6.00 -35.05
N MET D 64 6.50 6.65 -34.54
CA MET D 64 7.21 6.18 -33.34
C MET D 64 7.48 7.41 -32.47
N LEU D 65 6.49 7.76 -31.64
CA LEU D 65 6.45 9.08 -30.97
C LEU D 65 6.27 8.90 -29.47
N PRO D 66 6.68 9.90 -28.65
CA PRO D 66 6.66 9.74 -27.19
C PRO D 66 5.29 9.55 -26.52
N ASN D 67 4.20 10.07 -27.10
CA ASN D 67 2.88 10.01 -26.42
C ASN D 67 1.74 10.17 -27.43
N GLY D 68 0.53 9.87 -26.99
CA GLY D 68 -0.68 9.86 -27.83
C GLY D 68 -1.08 11.24 -28.34
N ASP D 69 -0.76 12.31 -27.61
CA ASP D 69 -1.03 13.70 -28.07
C ASP D 69 -0.18 13.99 -29.31
N LEU D 70 1.07 13.57 -29.30
CA LEU D 70 2.00 13.78 -30.45
C LEU D 70 1.57 12.91 -31.63
N VAL D 71 1.13 11.67 -31.37
CA VAL D 71 0.58 10.84 -32.48
C VAL D 71 -0.62 11.55 -33.08
N ARG D 72 -1.55 12.01 -32.24
CA ARG D 72 -2.76 12.75 -32.73
C ARG D 72 -2.34 13.96 -33.57
N ASN D 73 -1.38 14.77 -33.10
CA ASN D 73 -0.93 15.99 -33.83
C ASN D 73 -0.36 15.59 -35.20
N VAL D 74 0.46 14.53 -35.22
CA VAL D 74 1.13 14.06 -36.47
C VAL D 74 0.08 13.54 -37.45
N LEU D 75 -1.00 12.92 -36.98
CA LEU D 75 -2.04 12.35 -37.88
C LEU D 75 -3.06 13.41 -38.29
N PHE D 76 -3.56 14.22 -37.36
CA PHE D 76 -4.78 15.04 -37.56
C PHE D 76 -4.46 16.54 -37.54
N GLY D 77 -3.26 16.93 -37.12
CA GLY D 77 -2.84 18.34 -37.01
C GLY D 77 -2.52 18.98 -38.35
N GLU D 78 -2.01 20.23 -38.30
CA GLU D 78 -1.59 21.02 -39.48
C GLU D 78 -0.60 20.18 -40.29
N ASN D 79 -0.87 19.99 -41.58
CA ASN D 79 -0.02 19.23 -42.54
C ASN D 79 0.21 17.82 -41.97
N GLY D 80 -0.83 17.27 -41.37
CA GLY D 80 -0.82 15.92 -40.77
C GLY D 80 -0.89 14.83 -41.83
N VAL D 81 -0.62 13.61 -41.38
CA VAL D 81 -0.62 12.40 -42.25
C VAL D 81 -1.91 12.37 -43.06
N CYS D 82 -3.04 12.65 -42.44
CA CYS D 82 -4.37 12.50 -43.08
C CYS D 82 -4.43 13.31 -44.39
N GLU D 83 -3.71 14.41 -44.47
CA GLU D 83 -3.79 15.33 -45.65
C GLU D 83 -3.06 14.70 -46.85
N GLY D 84 -2.17 13.73 -46.64
CA GLY D 84 -1.39 13.09 -47.72
C GLY D 84 -1.69 11.61 -47.86
N LEU D 85 -2.70 11.09 -47.14
CA LEU D 85 -2.88 9.64 -46.94
C LEU D 85 -3.86 9.11 -47.99
N SER D 86 -3.51 8.00 -48.60
CA SER D 86 -4.40 7.20 -49.48
C SER D 86 -5.27 6.27 -48.62
N THR D 87 -6.53 6.05 -49.02
CA THR D 87 -7.48 5.05 -48.51
C THR D 87 -6.90 3.63 -48.52
N ASP D 88 -5.94 3.34 -49.41
CA ASP D 88 -5.33 1.99 -49.61
C ASP D 88 -4.15 1.81 -48.66
N ALA D 89 -3.69 2.88 -48.00
CA ALA D 89 -2.44 2.86 -47.21
C ALA D 89 -2.79 2.33 -45.81
N LEU D 90 -1.77 1.94 -45.05
CA LEU D 90 -1.95 1.43 -43.66
C LEU D 90 -1.05 2.25 -42.75
N VAL D 91 -1.63 2.87 -41.72
CA VAL D 91 -0.86 3.56 -40.65
C VAL D 91 -0.56 2.52 -39.58
N ILE D 92 0.70 2.45 -39.17
CA ILE D 92 1.17 1.56 -38.08
C ILE D 92 1.74 2.45 -36.98
N ASP D 93 1.02 2.61 -35.87
CA ASP D 93 1.56 3.33 -34.72
C ASP D 93 2.33 2.34 -33.86
N MET D 94 3.65 2.56 -33.75
CA MET D 94 4.52 1.67 -32.98
C MET D 94 4.86 2.32 -31.63
N SER D 95 4.22 3.46 -31.36
CA SER D 95 4.35 4.18 -30.08
C SER D 95 3.68 3.39 -28.94
N THR D 96 4.19 3.57 -27.72
CA THR D 96 3.55 3.09 -26.49
C THR D 96 2.75 4.27 -25.94
N ILE D 97 1.45 4.22 -26.11
CA ILE D 97 0.52 5.29 -25.65
C ILE D 97 -0.60 4.64 -24.83
N HIS D 98 -1.41 5.47 -24.21
CA HIS D 98 -2.58 5.01 -23.43
C HIS D 98 -3.49 4.19 -24.34
N PRO D 99 -3.94 2.99 -23.92
CA PRO D 99 -4.76 2.14 -24.79
C PRO D 99 -6.07 2.76 -25.24
N LEU D 100 -6.68 3.63 -24.43
CA LEU D 100 -7.95 4.26 -24.86
C LEU D 100 -7.66 5.40 -25.84
N GLN D 101 -6.46 6.00 -25.82
CA GLN D 101 -6.03 6.96 -26.87
C GLN D 101 -5.85 6.20 -28.19
N THR D 102 -5.23 5.02 -28.15
CA THR D 102 -5.09 4.16 -29.34
C THR D 102 -6.48 3.91 -29.92
N ASP D 103 -7.43 3.49 -29.10
CA ASP D 103 -8.78 3.14 -29.61
C ASP D 103 -9.38 4.36 -30.31
N LYS D 104 -9.27 5.54 -29.70
CA LYS D 104 -9.90 6.78 -30.24
C LYS D 104 -9.17 7.17 -31.54
N LEU D 105 -7.84 7.02 -31.61
CA LEU D 105 -7.11 7.35 -32.87
C LEU D 105 -7.56 6.42 -33.99
N ILE D 106 -7.64 5.12 -33.72
CA ILE D 106 -8.05 4.12 -34.73
C ILE D 106 -9.47 4.47 -35.19
N ALA D 107 -10.37 4.78 -34.25
CA ALA D 107 -11.79 5.08 -34.57
C ALA D 107 -11.86 6.37 -35.40
N ASP D 108 -11.10 7.39 -35.01
CA ASP D 108 -11.11 8.72 -35.68
C ASP D 108 -10.56 8.54 -37.11
N MET D 109 -9.56 7.69 -37.28
CA MET D 109 -8.98 7.39 -38.61
C MET D 109 -10.03 6.67 -39.47
N GLN D 110 -10.68 5.63 -38.92
CA GLN D 110 -11.67 4.80 -39.64
C GLN D 110 -12.82 5.70 -40.10
N ALA D 111 -13.22 6.69 -39.29
CA ALA D 111 -14.31 7.65 -39.59
C ALA D 111 -13.99 8.47 -40.85
N LYS D 112 -12.72 8.72 -41.14
CA LYS D 112 -12.26 9.45 -42.35
C LYS D 112 -11.92 8.48 -43.49
N GLY D 113 -12.20 7.18 -43.35
CA GLY D 113 -11.92 6.17 -44.39
C GLY D 113 -10.49 5.65 -44.37
N PHE D 114 -9.72 5.90 -43.29
CA PHE D 114 -8.29 5.51 -43.19
C PHE D 114 -8.10 4.32 -42.24
N SER D 115 -7.07 3.53 -42.53
CA SER D 115 -6.73 2.28 -41.80
C SER D 115 -5.56 2.53 -40.86
N MET D 116 -5.72 2.17 -39.57
CA MET D 116 -4.63 2.33 -38.58
C MET D 116 -4.60 1.11 -37.67
N MET D 117 -3.39 0.64 -37.37
CA MET D 117 -3.16 -0.51 -36.45
C MET D 117 -2.11 -0.15 -35.40
N ASP D 118 -2.19 -0.80 -34.24
CA ASP D 118 -1.24 -0.58 -33.11
C ASP D 118 -0.23 -1.71 -33.07
N VAL D 119 1.05 -1.38 -33.28
CA VAL D 119 2.13 -2.40 -33.12
C VAL D 119 3.25 -1.81 -32.26
N PRO D 120 2.99 -1.63 -30.94
CA PRO D 120 4.07 -1.23 -30.04
C PRO D 120 5.07 -2.37 -29.90
N VAL D 121 6.24 -2.05 -29.35
CA VAL D 121 7.36 -3.00 -29.30
C VAL D 121 7.86 -3.18 -27.88
N GLY D 122 8.35 -4.37 -27.62
CA GLY D 122 9.09 -4.72 -26.41
C GLY D 122 10.57 -4.78 -26.72
N ARG D 123 11.37 -4.75 -25.65
CA ARG D 123 12.87 -4.78 -25.65
C ARG D 123 13.36 -3.37 -25.91
N THR D 124 14.69 -3.23 -26.01
CA THR D 124 15.49 -2.01 -25.78
C THR D 124 15.86 -1.34 -27.12
N SER D 125 16.47 -0.17 -27.04
CA SER D 125 17.10 0.51 -28.19
C SER D 125 18.22 -0.37 -28.76
N ALA D 126 18.91 -1.18 -27.95
CA ALA D 126 19.97 -2.10 -28.48
C ALA D 126 19.30 -3.11 -29.42
N ASN D 127 18.11 -3.58 -29.06
CA ASN D 127 17.31 -4.50 -29.91
C ASN D 127 16.79 -3.76 -31.13
N ALA D 128 16.41 -2.49 -31.00
CA ALA D 128 15.96 -1.68 -32.15
C ALA D 128 17.08 -1.67 -33.20
N ILE D 129 18.30 -1.44 -32.74
CA ILE D 129 19.50 -1.38 -33.66
C ILE D 129 19.63 -2.73 -34.39
N THR D 130 19.58 -3.85 -33.68
CA THR D 130 19.86 -5.19 -34.26
C THR D 130 18.63 -5.76 -34.97
N GLY D 131 17.44 -5.13 -34.85
CA GLY D 131 16.20 -5.63 -35.47
C GLY D 131 15.65 -6.83 -34.70
N THR D 132 15.84 -6.87 -33.39
CA THR D 132 15.41 -8.02 -32.52
C THR D 132 14.35 -7.56 -31.50
N LEU D 133 13.56 -6.53 -31.84
CA LEU D 133 12.42 -6.08 -31.03
C LEU D 133 11.36 -7.19 -30.96
N LEU D 134 10.56 -7.15 -29.90
CA LEU D 134 9.32 -7.95 -29.76
C LEU D 134 8.18 -7.13 -30.35
N LEU D 135 7.51 -7.63 -31.38
CA LEU D 135 6.42 -6.90 -32.07
C LEU D 135 5.09 -7.38 -31.48
N LEU D 136 4.37 -6.48 -30.83
CA LEU D 136 3.06 -6.83 -30.23
C LEU D 136 1.99 -6.31 -31.15
N ALA D 137 1.58 -7.15 -32.11
CA ALA D 137 0.80 -6.70 -33.29
C ALA D 137 -0.69 -6.70 -32.96
N GLY D 138 -1.22 -5.53 -32.75
CA GLY D 138 -2.64 -5.21 -32.80
C GLY D 138 -3.07 -5.09 -34.26
N GLY D 139 -4.32 -4.75 -34.45
CA GLY D 139 -4.95 -4.61 -35.78
C GLY D 139 -5.75 -5.85 -36.15
N THR D 140 -6.48 -5.76 -37.24
CA THR D 140 -7.24 -6.90 -37.80
C THR D 140 -6.27 -7.95 -38.30
N ALA D 141 -6.74 -9.18 -38.45
CA ALA D 141 -5.98 -10.30 -39.02
C ALA D 141 -5.41 -9.86 -40.39
N GLU D 142 -6.22 -9.17 -41.20
CA GLU D 142 -5.85 -8.68 -42.57
C GLU D 142 -4.68 -7.70 -42.45
N GLN D 143 -4.77 -6.76 -41.50
CA GLN D 143 -3.72 -5.74 -41.29
C GLN D 143 -2.43 -6.41 -40.81
N VAL D 144 -2.50 -7.36 -39.89
CA VAL D 144 -1.29 -8.05 -39.39
C VAL D 144 -0.63 -8.82 -40.55
N GLU D 145 -1.42 -9.56 -41.33
CA GLU D 145 -0.87 -10.34 -42.48
C GLU D 145 -0.15 -9.36 -43.42
N ARG D 146 -0.80 -8.24 -43.76
CA ARG D 146 -0.26 -7.24 -44.71
C ARG D 146 1.03 -6.62 -44.15
N ALA D 147 1.07 -6.30 -42.86
CA ALA D 147 2.19 -5.52 -42.25
C ALA D 147 3.37 -6.46 -41.92
N THR D 148 3.16 -7.77 -41.84
CA THR D 148 4.16 -8.71 -41.28
C THR D 148 5.52 -8.55 -41.94
N PRO D 149 5.62 -8.56 -43.30
CA PRO D 149 6.95 -8.47 -43.93
C PRO D 149 7.73 -7.21 -43.52
N ILE D 150 7.02 -6.09 -43.37
CA ILE D 150 7.57 -4.76 -42.94
C ILE D 150 8.03 -4.91 -41.49
N LEU D 151 7.17 -5.45 -40.64
CA LEU D 151 7.44 -5.53 -39.19
C LEU D 151 8.67 -6.40 -38.93
N MET D 152 8.84 -7.51 -39.66
CA MET D 152 9.95 -8.47 -39.43
C MET D 152 11.31 -7.86 -39.85
N ALA D 153 11.35 -6.69 -40.49
CA ALA D 153 12.59 -5.93 -40.71
C ALA D 153 13.04 -5.26 -39.41
N MET D 154 12.13 -5.03 -38.46
CA MET D 154 12.42 -4.26 -37.22
C MET D 154 12.46 -5.17 -35.99
N GLY D 155 11.76 -6.30 -36.02
CA GLY D 155 11.74 -7.23 -34.86
C GLY D 155 12.00 -8.66 -35.26
N SER D 156 12.27 -9.51 -34.28
CA SER D 156 12.65 -10.94 -34.48
C SER D 156 11.49 -11.85 -34.08
N GLU D 157 10.47 -11.33 -33.41
CA GLU D 157 9.34 -12.17 -32.89
C GLU D 157 8.08 -11.33 -32.98
N LEU D 158 7.04 -11.89 -33.58
CA LEU D 158 5.76 -11.19 -33.76
C LEU D 158 4.72 -11.96 -32.96
N ILE D 159 4.01 -11.26 -32.11
CA ILE D 159 2.85 -11.83 -31.37
C ILE D 159 1.60 -11.19 -31.95
N ASN D 160 0.68 -12.02 -32.44
CA ASN D 160 -0.63 -11.56 -32.91
C ASN D 160 -1.52 -11.35 -31.69
N ALA D 161 -1.78 -10.10 -31.32
CA ALA D 161 -2.46 -9.76 -30.06
C ALA D 161 -3.96 -9.95 -30.21
N GLY D 162 -4.47 -10.14 -31.44
CA GLY D 162 -5.85 -10.58 -31.65
C GLY D 162 -6.87 -9.47 -31.90
N GLY D 163 -6.47 -8.27 -32.31
CA GLY D 163 -7.42 -7.28 -32.80
C GLY D 163 -6.93 -5.83 -32.65
N PRO D 164 -7.65 -4.86 -33.24
CA PRO D 164 -7.36 -3.44 -33.08
C PRO D 164 -7.28 -3.06 -31.60
N GLY D 165 -6.18 -2.42 -31.21
CA GLY D 165 -5.97 -1.95 -29.82
C GLY D 165 -5.49 -3.06 -28.89
N MET D 166 -5.36 -4.31 -29.35
CA MET D 166 -4.94 -5.41 -28.47
C MET D 166 -3.42 -5.44 -28.33
N GLY D 167 -2.66 -4.85 -29.26
CA GLY D 167 -1.19 -4.80 -29.14
C GLY D 167 -0.79 -3.90 -27.98
N ILE D 168 -1.38 -2.71 -27.93
CA ILE D 168 -1.10 -1.76 -26.84
C ILE D 168 -1.61 -2.38 -25.51
N ARG D 169 -2.73 -3.08 -25.54
CA ARG D 169 -3.27 -3.70 -24.29
C ARG D 169 -2.32 -4.80 -23.78
N VAL D 170 -1.82 -5.67 -24.62
CA VAL D 170 -0.99 -6.80 -24.13
C VAL D 170 0.39 -6.25 -23.70
N LYS D 171 0.87 -5.19 -24.37
CA LYS D 171 2.11 -4.54 -23.90
C LYS D 171 1.87 -3.98 -22.50
N LEU D 172 0.73 -3.34 -22.28
CA LEU D 172 0.45 -2.71 -20.96
C LEU D 172 0.39 -3.79 -19.87
N ILE D 173 -0.30 -4.89 -20.13
CA ILE D 173 -0.46 -5.94 -19.09
C ILE D 173 0.91 -6.53 -18.78
N ASN D 174 1.67 -6.86 -19.84
CA ASN D 174 3.03 -7.44 -19.67
C ASN D 174 3.88 -6.48 -18.84
N ASN D 175 3.96 -5.21 -19.22
CA ASN D 175 4.87 -4.25 -18.54
C ASN D 175 4.37 -3.98 -17.13
N TYR D 176 3.06 -3.86 -16.93
CA TYR D 176 2.51 -3.65 -15.57
C TYR D 176 3.05 -4.78 -14.68
N MET D 177 2.82 -6.01 -15.12
CA MET D 177 3.20 -7.19 -14.34
C MET D 177 4.73 -7.20 -14.10
N SER D 178 5.56 -7.01 -15.14
CA SER D 178 7.02 -7.12 -14.94
C SER D 178 7.49 -5.96 -14.05
N ILE D 179 6.98 -4.76 -14.25
CA ILE D 179 7.51 -3.59 -13.49
C ILE D 179 7.15 -3.73 -12.01
N ALA D 180 5.91 -4.10 -11.69
CA ALA D 180 5.49 -4.28 -10.28
C ALA D 180 6.21 -5.50 -9.71
N LEU D 181 6.37 -6.58 -10.47
CA LEU D 181 7.01 -7.84 -10.00
C LEU D 181 8.45 -7.55 -9.52
N ASN D 182 9.11 -6.61 -10.18
CA ASN D 182 10.49 -6.26 -9.81
C ASN D 182 10.53 -5.73 -8.37
N ALA D 183 9.58 -4.88 -7.97
CA ALA D 183 9.52 -4.31 -6.62
C ALA D 183 9.29 -5.43 -5.60
N LEU D 184 8.42 -6.40 -5.92
CA LEU D 184 8.13 -7.51 -4.97
C LEU D 184 9.37 -8.40 -4.87
N SER D 185 9.98 -8.69 -5.99
CA SER D 185 11.19 -9.53 -6.10
C SER D 185 12.27 -8.93 -5.18
N ALA D 186 12.45 -7.61 -5.25
CA ALA D 186 13.41 -6.89 -4.38
C ALA D 186 13.11 -7.11 -2.89
N GLU D 187 11.84 -7.02 -2.47
CA GLU D 187 11.48 -7.25 -1.05
C GLU D 187 11.90 -8.67 -0.65
N ALA D 188 11.60 -9.67 -1.46
CA ALA D 188 11.90 -11.07 -1.09
C ALA D 188 13.43 -11.22 -0.99
N ALA D 189 14.18 -10.66 -1.93
CA ALA D 189 15.65 -10.77 -1.98
C ALA D 189 16.30 -10.05 -0.80
N VAL D 190 15.78 -8.90 -0.39
CA VAL D 190 16.37 -8.13 0.73
C VAL D 190 16.01 -8.80 2.05
N LEU D 191 14.81 -9.37 2.17
CA LEU D 191 14.47 -10.14 3.39
C LEU D 191 15.41 -11.34 3.49
N CYS D 192 15.70 -11.96 2.36
CA CYS D 192 16.64 -13.11 2.26
C CYS D 192 18.02 -12.69 2.80
N GLU D 193 18.53 -11.53 2.34
CA GLU D 193 19.83 -11.02 2.81
C GLU D 193 19.75 -10.69 4.30
N ALA D 194 18.68 -10.07 4.79
CA ALA D 194 18.58 -9.70 6.20
C ALA D 194 18.61 -10.94 7.09
N LEU D 195 18.12 -12.07 6.57
CA LEU D 195 18.11 -13.37 7.29
C LEU D 195 19.44 -14.12 7.13
N ASN D 196 20.40 -13.57 6.37
CA ASN D 196 21.72 -14.21 6.10
C ASN D 196 21.55 -15.57 5.41
N LEU D 197 20.54 -15.69 4.55
CA LEU D 197 20.35 -16.84 3.64
C LEU D 197 20.96 -16.46 2.31
N PRO D 198 21.92 -17.24 1.78
CA PRO D 198 22.45 -16.98 0.45
C PRO D 198 21.36 -16.98 -0.62
N PHE D 199 21.37 -15.94 -1.45
CA PHE D 199 20.35 -15.69 -2.49
C PHE D 199 20.24 -16.89 -3.43
N ASP D 200 21.38 -17.53 -3.81
CA ASP D 200 21.37 -18.65 -4.77
C ASP D 200 20.48 -19.81 -4.24
N VAL D 201 20.45 -20.03 -2.94
CA VAL D 201 19.67 -21.12 -2.30
C VAL D 201 18.19 -20.77 -2.44
N ALA D 202 17.82 -19.52 -2.15
CA ALA D 202 16.41 -19.07 -2.35
C ALA D 202 16.04 -19.20 -3.84
N VAL D 203 16.89 -18.77 -4.77
CA VAL D 203 16.57 -18.86 -6.22
C VAL D 203 16.36 -20.33 -6.63
N LYS D 204 17.21 -21.23 -6.13
CA LYS D 204 17.13 -22.68 -6.44
C LYS D 204 15.75 -23.19 -5.99
N VAL D 205 15.32 -22.87 -4.79
CA VAL D 205 14.00 -23.36 -4.28
C VAL D 205 12.89 -22.71 -5.09
N MET D 206 12.93 -21.37 -5.26
CA MET D 206 11.82 -20.66 -5.94
C MET D 206 11.70 -21.08 -7.41
N SER D 207 12.79 -21.53 -8.04
CA SER D 207 12.76 -21.98 -9.46
CA SER D 207 12.77 -21.99 -9.46
C SER D 207 11.83 -23.18 -9.62
N GLY D 208 11.54 -23.91 -8.56
CA GLY D 208 10.67 -25.10 -8.59
C GLY D 208 9.27 -24.86 -8.07
N THR D 209 8.89 -23.62 -7.74
CA THR D 209 7.54 -23.31 -7.19
C THR D 209 6.92 -22.12 -7.95
N ALA D 210 5.72 -21.70 -7.56
CA ALA D 210 5.07 -20.53 -8.16
C ALA D 210 5.90 -19.27 -7.88
N ALA D 211 6.74 -19.26 -6.84
CA ALA D 211 7.55 -18.07 -6.48
C ALA D 211 8.42 -17.67 -7.68
N GLY D 212 9.04 -18.64 -8.32
CA GLY D 212 9.96 -18.40 -9.47
C GLY D 212 9.34 -18.72 -10.82
N LYS D 213 8.28 -19.56 -10.87
CA LYS D 213 7.62 -19.95 -12.14
C LYS D 213 6.37 -19.11 -12.41
N GLY D 214 5.88 -18.38 -11.42
CA GLY D 214 4.58 -17.67 -11.50
C GLY D 214 3.38 -18.61 -11.26
N HIS D 215 2.24 -18.01 -10.96
CA HIS D 215 0.94 -18.67 -10.71
C HIS D 215 0.20 -18.97 -12.02
N PHE D 216 0.39 -18.14 -13.05
CA PHE D 216 -0.44 -18.16 -14.27
C PHE D 216 -0.54 -19.58 -14.85
N THR D 217 0.57 -20.32 -14.85
CA THR D 217 0.66 -21.67 -15.49
C THR D 217 0.88 -22.76 -14.45
N THR D 218 0.85 -22.47 -13.16
CA THR D 218 1.12 -23.49 -12.11
C THR D 218 -0.10 -23.64 -11.20
N SER D 219 -0.28 -22.77 -10.23
CA SER D 219 -1.38 -22.79 -9.22
CA SER D 219 -1.38 -22.92 -9.23
C SER D 219 -2.75 -22.64 -9.88
N TRP D 220 -2.85 -21.81 -10.91
CA TRP D 220 -4.17 -21.31 -11.40
C TRP D 220 -4.90 -22.28 -12.33
N PRO D 221 -4.26 -22.91 -13.33
CA PRO D 221 -5.00 -23.62 -14.37
C PRO D 221 -6.02 -24.67 -13.89
N ASN D 222 -5.64 -25.50 -12.93
CA ASN D 222 -6.47 -26.64 -12.47
C ASN D 222 -7.35 -26.22 -11.28
N LYS D 223 -7.22 -24.98 -10.79
CA LYS D 223 -8.04 -24.53 -9.65
C LYS D 223 -8.95 -23.41 -10.13
N VAL D 224 -8.64 -22.15 -9.83
CA VAL D 224 -9.57 -21.05 -10.13
C VAL D 224 -9.96 -21.08 -11.62
N LEU D 225 -9.01 -21.27 -12.54
CA LEU D 225 -9.26 -21.13 -13.99
C LEU D 225 -10.12 -22.31 -14.48
N SER D 226 -10.26 -23.36 -13.68
CA SER D 226 -11.14 -24.54 -13.95
C SER D 226 -12.43 -24.43 -13.13
N GLY D 227 -12.64 -23.33 -12.41
CA GLY D 227 -13.84 -23.13 -11.56
C GLY D 227 -13.79 -23.95 -10.29
N ASP D 228 -12.62 -24.43 -9.87
CA ASP D 228 -12.45 -25.31 -8.70
C ASP D 228 -11.66 -24.57 -7.61
N LEU D 229 -12.32 -24.17 -6.52
CA LEU D 229 -11.63 -23.43 -5.42
C LEU D 229 -11.45 -24.35 -4.21
N SER D 230 -11.61 -25.68 -4.37
CA SER D 230 -11.29 -26.61 -3.28
C SER D 230 -9.80 -26.46 -2.99
N PRO D 231 -9.37 -26.42 -1.72
CA PRO D 231 -8.01 -25.98 -1.41
C PRO D 231 -6.88 -26.98 -1.66
N ALA D 232 -5.84 -26.54 -2.35
CA ALA D 232 -4.50 -27.15 -2.31
C ALA D 232 -3.72 -26.42 -1.22
N PHE D 233 -3.76 -25.09 -1.26
CA PHE D 233 -3.09 -24.24 -0.22
C PHE D 233 -4.14 -23.24 0.23
N MET D 234 -4.66 -23.40 1.46
CA MET D 234 -5.80 -22.60 1.93
C MET D 234 -5.35 -21.13 2.07
N ILE D 235 -6.28 -20.22 1.79
CA ILE D 235 -6.10 -18.75 1.97
C ILE D 235 -5.74 -18.49 3.43
N ASP D 236 -6.37 -19.16 4.40
CA ASP D 236 -6.01 -18.96 5.82
C ASP D 236 -4.52 -19.24 6.05
N LEU D 237 -3.96 -20.30 5.48
CA LEU D 237 -2.55 -20.67 5.73
C LEU D 237 -1.64 -19.65 5.02
N ALA D 238 -2.01 -19.26 3.81
CA ALA D 238 -1.24 -18.25 3.04
C ALA D 238 -1.20 -16.94 3.85
N HIS D 239 -2.35 -16.53 4.39
CA HIS D 239 -2.46 -15.29 5.19
C HIS D 239 -1.55 -15.40 6.42
N LYS D 240 -1.54 -16.56 7.07
CA LYS D 240 -0.72 -16.77 8.29
C LYS D 240 0.77 -16.64 7.92
N ASP D 241 1.22 -17.33 6.89
CA ASP D 241 2.66 -17.37 6.49
C ASP D 241 3.10 -15.95 6.08
N LEU D 242 2.23 -15.20 5.39
CA LEU D 242 2.54 -13.80 5.04
C LEU D 242 2.68 -12.94 6.30
N GLY D 243 1.86 -13.15 7.31
CA GLY D 243 1.98 -12.52 8.64
C GLY D 243 3.35 -12.79 9.25
N ILE D 244 3.83 -14.03 9.23
CA ILE D 244 5.17 -14.38 9.75
C ILE D 244 6.24 -13.59 8.97
N ALA D 245 6.15 -13.57 7.64
CA ALA D 245 7.14 -12.86 6.80
C ALA D 245 7.14 -11.38 7.18
N LEU D 246 5.98 -10.77 7.38
CA LEU D 246 5.94 -9.32 7.75
C LEU D 246 6.44 -9.10 9.18
N ASP D 247 6.18 -10.05 10.09
CA ASP D 247 6.73 -9.94 11.47
C ASP D 247 8.27 -9.94 11.40
N VAL D 248 8.85 -10.83 10.63
CA VAL D 248 10.32 -10.94 10.50
C VAL D 248 10.86 -9.64 9.87
N ALA D 249 10.26 -9.22 8.76
CA ALA D 249 10.70 -8.00 8.03
C ALA D 249 10.66 -6.80 8.99
N ASN D 250 9.60 -6.64 9.78
CA ASN D 250 9.43 -5.49 10.69
C ASN D 250 10.46 -5.61 11.83
N GLN D 251 10.75 -6.82 12.28
CA GLN D 251 11.79 -6.99 13.34
C GLN D 251 13.14 -6.59 12.75
N LEU D 252 13.42 -6.88 11.49
CA LEU D 252 14.74 -6.73 10.87
C LEU D 252 14.83 -5.44 10.02
N HIS D 253 13.83 -4.55 10.15
CA HIS D 253 13.71 -3.27 9.40
C HIS D 253 14.00 -3.46 7.90
N VAL D 254 13.36 -4.46 7.29
CA VAL D 254 13.28 -4.59 5.82
C VAL D 254 11.89 -4.08 5.40
N PRO D 255 11.78 -2.88 4.81
CA PRO D 255 10.45 -2.39 4.41
C PRO D 255 9.89 -3.23 3.27
N MET D 256 8.63 -3.66 3.44
CA MET D 256 7.98 -4.56 2.44
C MET D 256 6.59 -4.02 2.14
N PRO D 257 6.50 -2.85 1.45
CA PRO D 257 5.19 -2.28 1.14
C PRO D 257 4.30 -3.21 0.29
N LEU D 258 4.83 -3.91 -0.70
CA LEU D 258 3.97 -4.81 -1.51
C LEU D 258 3.49 -5.98 -0.64
N GLY D 259 4.36 -6.56 0.19
CA GLY D 259 3.96 -7.62 1.12
C GLY D 259 2.86 -7.16 2.05
N ALA D 260 3.01 -5.99 2.64
CA ALA D 260 2.04 -5.42 3.59
C ALA D 260 0.71 -5.23 2.86
N ALA D 261 0.74 -4.64 1.67
CA ALA D 261 -0.50 -4.48 0.87
C ALA D 261 -1.11 -5.86 0.57
N SER D 262 -0.29 -6.83 0.20
CA SER D 262 -0.81 -8.19 -0.19
C SER D 262 -1.54 -8.80 1.01
N ARG D 263 -1.05 -8.62 2.22
CA ARG D 263 -1.69 -9.28 3.38
C ARG D 263 -3.11 -8.69 3.57
N GLU D 264 -3.30 -7.40 3.34
CA GLU D 264 -4.64 -6.80 3.48
C GLU D 264 -5.56 -7.31 2.37
N VAL D 265 -5.05 -7.68 1.21
CA VAL D 265 -5.88 -8.35 0.14
C VAL D 265 -6.34 -9.73 0.66
N TYR D 266 -5.44 -10.51 1.22
CA TYR D 266 -5.80 -11.83 1.81
C TYR D 266 -6.77 -11.64 2.96
N SER D 267 -6.61 -10.58 3.75
CA SER D 267 -7.52 -10.26 4.87
C SER D 267 -8.92 -10.00 4.32
N GLN D 268 -9.04 -9.20 3.25
CA GLN D 268 -10.35 -8.96 2.56
C GLN D 268 -10.92 -10.30 2.09
N ALA D 269 -10.11 -11.19 1.55
CA ALA D 269 -10.57 -12.50 1.05
C ALA D 269 -11.13 -13.30 2.25
N ARG D 270 -10.48 -13.26 3.40
CA ARG D 270 -10.97 -13.98 4.61
C ARG D 270 -12.28 -13.36 5.05
N ALA D 271 -12.39 -12.04 5.05
CA ALA D 271 -13.61 -11.34 5.47
C ALA D 271 -14.76 -11.73 4.54
N ALA D 272 -14.47 -12.01 3.27
CA ALA D 272 -15.50 -12.38 2.28
C ALA D 272 -15.84 -13.86 2.37
N GLY D 273 -15.32 -14.60 3.33
CA GLY D 273 -15.64 -16.02 3.53
C GLY D 273 -14.77 -16.97 2.71
N ARG D 274 -13.59 -16.55 2.22
CA ARG D 274 -12.75 -17.40 1.34
C ARG D 274 -11.61 -18.11 2.09
N GLY D 275 -11.54 -18.04 3.42
CA GLY D 275 -10.41 -18.59 4.20
C GLY D 275 -10.08 -20.04 3.93
N ARG D 276 -11.09 -20.88 3.67
CA ARG D 276 -10.89 -22.33 3.43
C ARG D 276 -10.83 -22.63 1.93
N GLN D 277 -10.84 -21.60 1.06
CA GLN D 277 -10.64 -21.80 -0.41
C GLN D 277 -9.16 -21.88 -0.77
N ASP D 278 -8.89 -22.44 -1.95
CA ASP D 278 -7.53 -22.47 -2.55
C ASP D 278 -7.04 -21.03 -2.68
N TRP D 279 -5.73 -20.82 -2.57
CA TRP D 279 -5.15 -19.48 -2.71
C TRP D 279 -5.43 -18.90 -4.09
N SER D 280 -5.63 -19.71 -5.13
CA SER D 280 -5.98 -19.21 -6.47
C SER D 280 -7.31 -18.45 -6.44
N ALA D 281 -8.13 -18.60 -5.41
CA ALA D 281 -9.38 -17.84 -5.27
C ALA D 281 -9.10 -16.33 -5.13
N ILE D 282 -7.87 -15.92 -4.83
CA ILE D 282 -7.54 -14.47 -4.78
C ILE D 282 -7.92 -13.84 -6.13
N LEU D 283 -7.78 -14.57 -7.23
CA LEU D 283 -8.18 -14.04 -8.57
C LEU D 283 -9.67 -13.67 -8.54
N GLU D 284 -10.51 -14.58 -8.03
CA GLU D 284 -11.97 -14.31 -7.92
C GLU D 284 -12.22 -13.11 -6.99
N GLN D 285 -11.49 -13.02 -5.87
CA GLN D 285 -11.67 -11.90 -4.92
C GLN D 285 -11.38 -10.57 -5.65
N VAL D 286 -10.32 -10.53 -6.46
CA VAL D 286 -9.94 -9.27 -7.16
C VAL D 286 -10.99 -8.95 -8.23
N ARG D 287 -11.47 -9.96 -8.94
CA ARG D 287 -12.52 -9.76 -9.97
C ARG D 287 -13.75 -9.15 -9.28
N VAL D 288 -14.22 -9.74 -8.18
CA VAL D 288 -15.41 -9.22 -7.45
C VAL D 288 -15.14 -7.79 -6.94
N SER D 289 -13.95 -7.51 -6.42
CA SER D 289 -13.55 -6.17 -5.96
C SER D 289 -13.58 -5.14 -7.10
N ALA D 290 -13.41 -5.58 -8.33
CA ALA D 290 -13.43 -4.74 -9.56
C ALA D 290 -14.84 -4.63 -10.13
N GLY D 291 -15.85 -5.13 -9.42
CA GLY D 291 -17.26 -5.07 -9.81
C GLY D 291 -17.62 -6.07 -10.89
N MET D 292 -16.80 -7.07 -11.15
CA MET D 292 -17.12 -8.13 -12.15
C MET D 292 -18.02 -9.18 -11.48
N THR D 293 -18.75 -9.92 -12.30
CA THR D 293 -19.63 -11.02 -11.83
C THR D 293 -18.76 -12.21 -11.44
N ALA D 294 -18.97 -12.75 -10.24
CA ALA D 294 -18.30 -13.96 -9.75
C ALA D 294 -18.49 -15.08 -10.77
N LYS D 295 -17.44 -15.84 -11.05
CA LYS D 295 -17.46 -17.00 -12.00
C LYS D 295 -17.60 -18.30 -11.21
N VAL D 296 -17.14 -18.31 -9.95
CA VAL D 296 -17.27 -19.50 -9.04
C VAL D 296 -18.19 -19.11 -7.88
PA NAD E . -20.17 19.62 -13.23
O1A NAD E . -19.73 18.40 -14.01
O2A NAD E . -21.46 19.56 -12.49
O5B NAD E . -20.19 20.86 -14.25
C5B NAD E . -19.23 20.99 -15.29
C4B NAD E . -19.88 21.82 -16.36
O4B NAD E . -18.94 22.18 -17.37
C3B NAD E . -21.07 21.13 -17.04
O3B NAD E . -22.25 21.93 -17.02
C2B NAD E . -20.53 20.89 -18.45
O2B NAD E . -21.56 20.83 -19.39
C1B NAD E . -19.58 22.07 -18.63
N9A NAD E . -18.58 21.93 -19.68
C8A NAD E . -17.83 20.86 -20.01
N7A NAD E . -17.01 21.07 -21.01
C5A NAD E . -17.27 22.37 -21.40
C6A NAD E . -16.76 23.19 -22.42
N6A NAD E . -15.79 22.84 -23.26
N1A NAD E . -17.24 24.43 -22.48
C2A NAD E . -18.19 24.83 -21.63
N3A NAD E . -18.78 24.15 -20.66
C4A NAD E . -18.25 22.92 -20.58
O3 NAD E . -18.98 20.03 -12.25
PN NAD E . -18.98 21.00 -10.97
O1N NAD E . -19.31 20.14 -9.78
O2N NAD E . -19.69 22.31 -11.25
O5D NAD E . -17.42 21.21 -10.88
C5D NAD E . -16.59 22.02 -11.68
C4D NAD E . -15.33 22.18 -10.87
O4D NAD E . -15.72 22.41 -9.51
C3D NAD E . -14.36 20.99 -10.82
O3D NAD E . -13.04 21.43 -11.06
C2D NAD E . -14.50 20.48 -9.38
O2D NAD E . -13.36 19.81 -8.85
C1D NAD E . -14.77 21.80 -8.65
N1N NAD E . -15.39 21.64 -7.31
C2N NAD E . -16.51 20.83 -7.19
C3N NAD E . -17.11 20.60 -5.93
C7N NAD E . -18.36 19.75 -5.83
O7N NAD E . -18.68 19.30 -4.73
N7N NAD E . -19.11 19.56 -6.92
C4N NAD E . -16.49 21.21 -4.78
C5N NAD E . -15.52 22.19 -4.96
C6N NAD E . -14.90 22.32 -6.20
PA NAD F . -3.29 -29.11 11.28
O1A NAD F . -4.06 -29.91 10.30
O2A NAD F . -3.88 -27.98 12.05
O5B NAD F . -2.63 -30.08 12.38
C5B NAD F . -1.89 -29.65 13.51
C4B NAD F . -1.94 -30.75 14.53
O4B NAD F . -1.22 -30.39 15.74
C3B NAD F . -3.37 -31.12 15.00
O3B NAD F . -3.66 -32.51 14.84
C2B NAD F . -3.40 -30.62 16.44
O2B NAD F . -4.31 -31.30 17.28
C1B NAD F . -1.95 -30.83 16.84
N9A NAD F . -1.52 -30.12 18.04
C8A NAD F . -1.73 -28.80 18.38
N7A NAD F . -1.22 -28.49 19.55
C5A NAD F . -0.54 -29.62 19.94
C6A NAD F . 0.24 -29.91 21.07
N6A NAD F . 0.53 -29.03 22.02
N1A NAD F . 0.78 -31.15 21.16
C2A NAD F . 0.49 -32.04 20.21
N3A NAD F . -0.25 -31.89 19.12
C4A NAD F . -0.73 -30.64 19.03
O3 NAD F . -1.94 -28.52 10.61
PN NAD F . -1.03 -29.20 9.49
O1N NAD F . -1.41 -28.64 8.17
O2N NAD F . -0.94 -30.68 9.66
O5D NAD F . 0.42 -28.73 9.91
C5D NAD F . 0.62 -27.44 10.23
C4D NAD F . 2.05 -27.16 9.86
O4D NAD F . 2.32 -27.68 8.52
C3D NAD F . 2.28 -25.66 9.81
O3D NAD F . 3.55 -25.44 10.41
C2D NAD F . 2.11 -25.41 8.31
O2D NAD F . 2.74 -24.21 7.93
C1D NAD F . 2.83 -26.62 7.74
N1N NAD F . 2.52 -26.88 6.31
C2N NAD F . 1.21 -27.09 5.92
C3N NAD F . 0.85 -27.19 4.57
C7N NAD F . -0.62 -27.38 4.20
O7N NAD F . -0.97 -27.16 3.05
N7N NAD F . -1.45 -27.83 5.15
C4N NAD F . 1.88 -27.13 3.62
C5N NAD F . 3.22 -27.08 4.04
C6N NAD F . 3.52 -26.95 5.38
PA NAD G . 10.06 0.94 29.93
O1A NAD G . 10.84 2.19 30.13
O2A NAD G . 10.60 -0.17 29.10
O5B NAD G . 9.82 0.30 31.39
C5B NAD G . 9.45 -1.07 31.61
C4B NAD G . 10.02 -1.51 32.93
O4B NAD G . 9.60 -2.86 33.22
C3B NAD G . 11.56 -1.52 32.95
O3B NAD G . 12.10 -0.75 34.01
C2B NAD G . 11.91 -3.00 33.11
O2B NAD G . 13.09 -3.06 33.87
C1B NAD G . 10.67 -3.53 33.82
N9A NAD G . 10.46 -4.97 33.69
C8A NAD G . 10.59 -5.76 32.59
N7A NAD G . 10.27 -7.02 32.80
C5A NAD G . 9.92 -7.05 34.14
C6A NAD G . 9.50 -8.10 34.98
N6A NAD G . 9.35 -9.36 34.58
N1A NAD G . 9.19 -7.78 36.25
C2A NAD G . 9.36 -6.52 36.66
N3A NAD G . 9.75 -5.46 35.97
C4A NAD G . 10.01 -5.79 34.70
O3 NAD G . 8.52 1.16 29.48
PN NAD G . 7.43 2.34 29.79
O1N NAD G . 7.69 3.45 28.82
O2N NAD G . 7.50 2.61 31.27
O5D NAD G . 6.04 1.69 29.40
C5D NAD G . 5.47 0.48 29.89
C4D NAD G . 4.12 0.49 29.25
O4D NAD G . 3.74 1.87 29.11
C3D NAD G . 4.04 -0.09 27.83
O3D NAD G . 2.85 -0.86 27.75
C2D NAD G . 4.02 1.18 26.96
O2D NAD G . 3.42 1.05 25.69
C1D NAD G . 3.13 2.05 27.84
N1N NAD G . 3.14 3.51 27.51
C2N NAD G . 4.34 4.12 27.24
C3N NAD G . 4.31 5.45 26.79
C7N NAD G . 5.65 6.05 26.53
O7N NAD G . 5.69 7.10 25.88
N7N NAD G . 6.71 5.43 27.03
C4N NAD G . 3.09 6.15 26.64
C5N NAD G . 1.91 5.56 27.06
C6N NAD G . 1.95 4.26 27.52
PA NAD H . 12.75 9.74 -28.40
O1A NAD H . 12.26 10.85 -27.51
O2A NAD H . 14.21 9.42 -28.42
O5B NAD H . 12.29 10.14 -29.86
C5B NAD H . 11.04 10.79 -30.16
C4B NAD H . 11.26 11.49 -31.48
O4B NAD H . 10.00 12.06 -31.90
C3B NAD H . 12.30 12.63 -31.47
O3B NAD H . 13.23 12.49 -32.55
C2B NAD H . 11.43 13.87 -31.60
O2B NAD H . 12.12 14.94 -32.23
C1B NAD H . 10.28 13.31 -32.44
N9A NAD H . 9.05 14.09 -32.44
C8A NAD H . 8.39 14.61 -31.36
N7A NAD H . 7.30 15.27 -31.70
C5A NAD H . 7.24 15.16 -33.08
C6A NAD H . 6.33 15.62 -34.04
N6A NAD H . 5.24 16.34 -33.80
N1A NAD H . 6.57 15.30 -35.34
C2A NAD H . 7.68 14.60 -35.62
N3A NAD H . 8.60 14.12 -34.80
C4A NAD H . 8.32 14.42 -33.53
O3 NAD H . 11.83 8.49 -28.10
PN NAD H . 11.98 6.92 -28.49
O1N NAD H . 12.74 6.32 -27.35
O2N NAD H . 12.35 6.94 -29.94
O5D NAD H . 10.43 6.51 -28.37
C5D NAD H . 9.99 5.99 -27.13
C4D NAD H . 8.75 5.23 -27.43
O4D NAD H . 9.14 3.87 -27.59
C3D NAD H . 7.68 5.26 -26.34
O3D NAD H . 6.46 5.26 -27.08
C2D NAD H . 8.20 4.09 -25.49
O2D NAD H . 7.38 3.50 -24.49
C1D NAD H . 8.54 3.07 -26.57
N1N NAD H . 9.57 2.11 -26.11
C2N NAD H . 10.70 2.60 -25.53
C3N NAD H . 11.73 1.75 -25.19
C7N NAD H . 13.07 2.34 -24.83
O7N NAD H . 13.86 1.65 -24.20
N7N NAD H . 13.31 3.59 -25.17
C4N NAD H . 11.49 0.39 -25.20
C5N NAD H . 10.37 -0.10 -25.87
C6N NAD H . 9.40 0.78 -26.26
#